data_5L2P
#
_entry.id   5L2P
#
_cell.length_a   73.913
_cell.length_b   109.309
_cell.length_c   90.044
_cell.angle_alpha   90.000
_cell.angle_beta   109.370
_cell.angle_gamma   90.000
#
_symmetry.space_group_name_H-M   'P 1 21 1'
#
_entity_poly.entity_id   1
_entity_poly.type   'polypeptide(L)'
_entity_poly.pdbx_seq_one_letter_code
;MPLDPEVRNFLQVYYKANIIDFTKYQFQEIRQKVNELLAKAVPKDPVGETRDMKIKLEDYELPIRIYSPIKRTNNGLVMH
FHGGAWILGSIETEDAISRILSNSCECTVISVDYRLAPEYKFPTAVYDCFNAIVWARDNAGELGIDKDKIATFGISAGGN
LVAATSLLARDNKLKLTAQVPVVPFVYLDLASKSMNRYRKGYFLDINLPVDYGVKMYIRDEKDLYNPLFSPLIAEDLSNL
PQAIVVTAEYDPLRDQGEAYAYRLMESGVPTLSFRVNGNVHAFLGSPRTSRQVTVMIGALLKDIFK
;
_entity_poly.pdbx_strand_id   A,B,C,D
#
# COMPACT_ATOMS: atom_id res chain seq x y z
N MET A 1 4.76 -10.15 -11.69
CA MET A 1 5.10 -9.23 -10.54
C MET A 1 6.61 -9.08 -10.37
N PRO A 2 7.04 -8.02 -9.64
CA PRO A 2 8.47 -7.76 -9.50
C PRO A 2 9.12 -8.59 -8.38
N LEU A 3 9.36 -9.87 -8.67
CA LEU A 3 10.08 -10.75 -7.76
C LEU A 3 11.54 -10.83 -8.14
N ASP A 4 12.33 -11.37 -7.23
CA ASP A 4 13.66 -11.86 -7.55
C ASP A 4 13.57 -12.92 -8.70
N PRO A 5 14.35 -12.74 -9.76
CA PRO A 5 14.33 -13.71 -10.89
C PRO A 5 14.49 -15.19 -10.50
N GLU A 6 15.37 -15.49 -9.55
CA GLU A 6 15.54 -16.87 -9.05
C GLU A 6 14.26 -17.38 -8.41
N VAL A 7 13.55 -16.50 -7.71
CA VAL A 7 12.28 -16.88 -7.07
C VAL A 7 11.19 -17.09 -8.12
N ARG A 8 11.16 -16.22 -9.11
CA ARG A 8 10.20 -16.33 -10.21
C ARG A 8 10.39 -17.68 -10.97
N ASN A 9 11.63 -18.01 -11.27
CA ASN A 9 11.98 -19.25 -11.91
C ASN A 9 11.55 -20.48 -11.06
N PHE A 10 11.76 -20.39 -9.75
CA PHE A 10 11.32 -21.43 -8.84
C PHE A 10 9.81 -21.67 -8.92
N LEU A 11 9.04 -20.58 -8.99
CA LEU A 11 7.57 -20.68 -9.01
C LEU A 11 7.10 -21.36 -10.27
N GLN A 12 7.72 -21.04 -11.40
CA GLN A 12 7.42 -21.70 -12.68
C GLN A 12 7.62 -23.21 -12.60
N VAL A 13 8.75 -23.63 -12.04
CA VAL A 13 9.06 -25.05 -11.90
C VAL A 13 8.11 -25.70 -10.89
N TYR A 14 7.82 -25.00 -9.80
CA TYR A 14 7.00 -25.57 -8.73
C TYR A 14 5.60 -25.94 -9.20
N TYR A 15 4.96 -25.03 -9.92
CA TYR A 15 3.57 -25.23 -10.36
C TYR A 15 3.50 -26.25 -11.50
N LYS A 16 4.54 -26.27 -12.36
CA LYS A 16 4.65 -27.27 -13.45
C LYS A 16 4.82 -28.67 -12.90
N ALA A 17 5.50 -28.79 -11.76
CA ALA A 17 5.76 -30.08 -11.10
C ALA A 17 4.48 -30.75 -10.61
N ASN A 18 3.51 -29.97 -10.17
CA ASN A 18 2.23 -30.49 -9.71
C ASN A 18 2.37 -31.51 -8.57
N ILE A 19 2.92 -31.05 -7.45
CA ILE A 19 3.18 -31.90 -6.29
C ILE A 19 1.88 -32.13 -5.53
N ILE A 20 1.14 -31.05 -5.25
CA ILE A 20 -0.07 -31.10 -4.44
C ILE A 20 -1.29 -31.35 -5.32
N ASP A 21 -1.73 -32.61 -5.42
CA ASP A 21 -3.06 -32.87 -5.92
C ASP A 21 -3.54 -34.19 -5.39
N PHE A 22 -4.77 -34.17 -4.88
CA PHE A 22 -5.37 -35.30 -4.22
C PHE A 22 -6.04 -36.26 -5.23
N THR A 23 -6.06 -35.90 -6.52
CA THR A 23 -6.46 -36.80 -7.61
C THR A 23 -5.51 -38.00 -7.75
N LYS A 24 -4.21 -37.74 -7.68
CA LYS A 24 -3.19 -38.75 -7.92
C LYS A 24 -2.67 -39.32 -6.61
N TYR A 25 -2.28 -38.44 -5.70
CA TYR A 25 -1.55 -38.84 -4.49
C TYR A 25 -2.43 -38.81 -3.25
N GLN A 26 -2.09 -39.65 -2.29
CA GLN A 26 -2.74 -39.65 -0.96
C GLN A 26 -2.04 -38.60 -0.12
N PHE A 27 -2.64 -38.27 1.02
CA PHE A 27 -2.11 -37.20 1.87
C PHE A 27 -0.69 -37.47 2.36
N GLN A 28 -0.45 -38.69 2.80
CA GLN A 28 0.88 -39.05 3.31
C GLN A 28 1.99 -38.89 2.26
N GLU A 29 1.70 -39.23 1.01
CA GLU A 29 2.67 -39.04 -0.06
C GLU A 29 2.91 -37.55 -0.38
N ILE A 30 1.86 -36.73 -0.27
CA ILE A 30 2.00 -35.27 -0.44
C ILE A 30 2.85 -34.68 0.68
N ARG A 31 2.60 -35.13 1.91
CA ARG A 31 3.41 -34.72 3.06
C ARG A 31 4.89 -34.99 2.80
N GLN A 32 5.19 -36.22 2.41
CA GLN A 32 6.55 -36.63 2.13
C GLN A 32 7.15 -35.88 0.95
N LYS A 33 6.38 -35.69 -0.12
CA LYS A 33 6.93 -35.03 -1.31
C LYS A 33 7.28 -33.55 -1.03
N VAL A 34 6.46 -32.86 -0.22
CA VAL A 34 6.75 -31.50 0.16
C VAL A 34 7.93 -31.46 1.15
N ASN A 35 7.99 -32.40 2.07
CA ASN A 35 9.11 -32.47 3.02
C ASN A 35 10.46 -32.61 2.30
N GLU A 36 10.51 -33.41 1.23
CA GLU A 36 11.72 -33.62 0.43
C GLU A 36 12.10 -32.31 -0.26
N LEU A 37 11.10 -31.56 -0.75
CA LEU A 37 11.30 -30.22 -1.35
C LEU A 37 11.91 -29.23 -0.37
N LEU A 38 11.38 -29.20 0.84
CA LEU A 38 11.82 -28.23 1.86
C LEU A 38 13.22 -28.58 2.38
N ALA A 39 13.48 -29.87 2.50
CA ALA A 39 14.74 -30.34 3.08
C ALA A 39 15.91 -30.11 2.11
N LYS A 40 15.66 -30.03 0.81
CA LYS A 40 16.72 -29.78 -0.17
C LYS A 40 16.93 -28.28 -0.48
N ALA A 41 16.14 -27.41 0.14
CA ALA A 41 16.01 -26.00 -0.27
C ALA A 41 17.28 -25.18 0.02
N VAL A 42 17.83 -25.34 1.22
CA VAL A 42 19.06 -24.64 1.61
C VAL A 42 20.16 -25.66 1.86
N PRO A 43 21.40 -25.37 1.44
CA PRO A 43 22.52 -26.28 1.72
C PRO A 43 22.92 -26.34 3.19
N LYS A 44 23.38 -27.50 3.66
CA LYS A 44 23.73 -27.71 5.07
C LYS A 44 25.16 -27.31 5.39
N ASP A 45 25.31 -26.36 6.30
CA ASP A 45 26.62 -25.99 6.81
C ASP A 45 27.05 -26.99 7.91
N PRO A 46 28.36 -27.22 8.04
CA PRO A 46 28.80 -28.03 9.16
C PRO A 46 28.67 -27.29 10.52
N VAL A 47 28.39 -28.06 11.56
CA VAL A 47 28.36 -27.58 12.94
C VAL A 47 29.31 -28.39 13.82
N GLY A 48 29.36 -28.05 15.10
CA GLY A 48 30.26 -28.69 16.05
C GLY A 48 29.79 -30.12 16.32
N GLU A 49 28.51 -30.30 16.62
CA GLU A 49 27.97 -31.58 16.94
C GLU A 49 26.44 -31.61 16.76
N THR A 50 25.89 -32.80 16.61
CA THR A 50 24.46 -33.04 16.44
C THR A 50 24.09 -34.26 17.26
N ARG A 51 23.03 -34.15 18.04
CA ARG A 51 22.61 -35.25 18.92
C ARG A 51 21.10 -35.34 18.89
N ASP A 52 20.59 -36.52 18.48
CA ASP A 52 19.16 -36.79 18.48
C ASP A 52 18.79 -37.45 19.78
N MET A 53 17.62 -37.11 20.31
CA MET A 53 17.11 -37.74 21.53
C MET A 53 15.60 -37.52 21.66
N LYS A 54 15.00 -38.06 22.72
CA LYS A 54 13.57 -37.94 22.93
C LYS A 54 13.24 -37.47 24.34
N ILE A 55 12.37 -36.48 24.46
CA ILE A 55 11.89 -36.00 25.73
C ILE A 55 10.68 -36.86 26.09
N LYS A 56 10.64 -37.34 27.32
CA LYS A 56 9.59 -38.25 27.78
C LYS A 56 8.40 -37.47 28.31
N LEU A 57 7.30 -37.42 27.54
CA LEU A 57 6.04 -36.84 28.03
C LEU A 57 5.16 -38.00 28.50
N GLU A 58 4.08 -37.69 29.23
CA GLU A 58 3.24 -38.75 29.82
C GLU A 58 2.51 -39.61 28.77
N ASP A 59 2.23 -39.07 27.60
CA ASP A 59 1.53 -39.79 26.54
C ASP A 59 2.35 -39.96 25.24
N TYR A 60 3.61 -39.53 25.26
CA TYR A 60 4.39 -39.42 24.01
C TYR A 60 5.88 -39.21 24.29
N GLU A 61 6.68 -39.57 23.30
CA GLU A 61 8.15 -39.35 23.35
C GLU A 61 8.43 -38.31 22.29
N LEU A 62 8.78 -37.10 22.71
CA LEU A 62 8.94 -35.99 21.77
C LEU A 62 10.37 -35.90 21.23
N PRO A 63 10.57 -36.17 19.93
CA PRO A 63 11.94 -36.16 19.42
C PRO A 63 12.50 -34.73 19.31
N ILE A 64 13.78 -34.57 19.66
CA ILE A 64 14.48 -33.33 19.46
C ILE A 64 15.86 -33.58 18.87
N ARG A 65 16.45 -32.52 18.30
CA ARG A 65 17.83 -32.57 17.85
C ARG A 65 18.55 -31.36 18.48
N ILE A 66 19.66 -31.62 19.15
CA ILE A 66 20.49 -30.60 19.74
C ILE A 66 21.67 -30.29 18.82
N TYR A 67 21.80 -29.00 18.44
CA TYR A 67 22.92 -28.55 17.60
C TYR A 67 23.93 -27.81 18.42
N SER A 68 25.20 -28.20 18.33
CA SER A 68 26.28 -27.46 18.94
C SER A 68 27.04 -26.74 17.85
N PRO A 69 27.33 -25.43 18.03
CA PRO A 69 27.96 -24.65 16.97
C PRO A 69 29.42 -25.02 16.74
N ILE A 70 29.96 -24.62 15.60
CA ILE A 70 31.37 -24.78 15.30
C ILE A 70 32.20 -24.08 16.36
N LYS A 71 31.81 -22.86 16.71
CA LYS A 71 32.46 -22.08 17.76
C LYS A 71 31.38 -21.62 18.73
N ARG A 72 31.47 -22.04 19.98
CA ARG A 72 30.52 -21.64 21.01
C ARG A 72 31.09 -20.52 21.87
N THR A 73 30.47 -19.34 21.83
CA THR A 73 30.98 -18.18 22.54
C THR A 73 29.99 -17.59 23.55
N ASN A 74 28.81 -18.21 23.71
CA ASN A 74 27.90 -17.79 24.77
C ASN A 74 27.05 -18.95 25.28
N ASN A 75 26.38 -18.70 26.41
CA ASN A 75 25.55 -19.71 27.05
C ASN A 75 24.05 -19.54 26.77
N GLY A 76 23.72 -18.96 25.63
CA GLY A 76 22.35 -18.86 25.20
C GLY A 76 21.81 -20.10 24.55
N LEU A 77 20.47 -20.14 24.43
CA LEU A 77 19.77 -21.26 23.85
C LEU A 77 18.64 -20.78 22.97
N VAL A 78 18.52 -21.38 21.78
CA VAL A 78 17.47 -21.05 20.84
C VAL A 78 16.62 -22.28 20.56
N MET A 79 15.34 -22.21 20.93
CA MET A 79 14.39 -23.27 20.61
C MET A 79 13.85 -23.02 19.22
N HIS A 80 13.95 -24.03 18.37
CA HIS A 80 13.55 -23.89 16.98
C HIS A 80 12.34 -24.78 16.68
N PHE A 81 11.24 -24.16 16.27
CA PHE A 81 10.06 -24.87 15.87
C PHE A 81 9.91 -24.73 14.35
N HIS A 82 9.88 -25.86 13.62
CA HIS A 82 9.76 -25.81 12.16
C HIS A 82 8.36 -25.40 11.71
N GLY A 83 8.25 -24.98 10.47
CA GLY A 83 6.96 -24.67 9.84
C GLY A 83 6.39 -25.87 9.07
N GLY A 84 5.42 -25.61 8.20
CA GLY A 84 4.73 -26.64 7.47
C GLY A 84 3.23 -26.70 7.74
N ALA A 85 2.62 -25.56 8.07
CA ALA A 85 1.17 -25.44 8.18
C ALA A 85 0.53 -26.43 9.15
N TRP A 86 1.25 -26.73 10.23
CA TRP A 86 0.79 -27.64 11.27
C TRP A 86 0.54 -29.09 10.79
N ILE A 87 0.76 -29.39 9.50
CA ILE A 87 0.44 -30.69 8.92
C ILE A 87 1.62 -31.42 8.28
N LEU A 88 2.74 -30.71 8.08
CA LEU A 88 3.94 -31.33 7.56
C LEU A 88 5.19 -30.61 8.05
N GLY A 89 6.35 -31.03 7.57
CA GLY A 89 7.64 -30.53 8.03
C GLY A 89 8.17 -31.31 9.22
N SER A 90 9.42 -31.05 9.55
CA SER A 90 10.07 -31.75 10.65
C SER A 90 11.39 -31.07 11.00
N ILE A 91 12.14 -31.68 11.91
CA ILE A 91 13.52 -31.33 12.17
C ILE A 91 14.39 -31.43 10.91
N GLU A 92 14.15 -32.44 10.08
CA GLU A 92 14.94 -32.61 8.86
C GLU A 92 14.70 -31.50 7.83
N THR A 93 13.46 -31.05 7.74
CA THR A 93 13.09 -30.06 6.72
C THR A 93 13.69 -28.68 6.97
N GLU A 94 13.90 -28.33 8.24
CA GLU A 94 14.57 -27.11 8.58
C GLU A 94 15.92 -27.34 9.27
N ASP A 95 16.53 -28.48 9.03
CA ASP A 95 17.86 -28.81 9.57
C ASP A 95 18.92 -27.80 9.15
N ALA A 96 18.91 -27.42 7.88
CA ALA A 96 19.87 -26.46 7.31
C ALA A 96 19.74 -25.06 7.96
N ILE A 97 18.51 -24.67 8.30
CA ILE A 97 18.29 -23.43 9.04
C ILE A 97 18.89 -23.49 10.43
N SER A 98 18.67 -24.62 11.12
CA SER A 98 19.15 -24.77 12.49
C SER A 98 20.66 -24.68 12.56
N ARG A 99 21.33 -25.25 11.56
CA ARG A 99 22.80 -25.25 11.48
C ARG A 99 23.35 -23.84 11.28
N ILE A 100 22.80 -23.11 10.31
CA ILE A 100 23.22 -21.73 10.07
C ILE A 100 22.91 -20.87 11.30
N LEU A 101 21.77 -21.12 11.94
CA LEU A 101 21.35 -20.31 13.08
C LEU A 101 22.27 -20.48 14.26
N SER A 102 22.59 -21.74 14.52
CA SER A 102 23.52 -22.12 15.58
C SER A 102 24.90 -21.47 15.41
N ASN A 103 25.43 -21.52 14.19
CA ASN A 103 26.75 -20.98 13.91
C ASN A 103 26.77 -19.46 14.01
N SER A 104 25.69 -18.82 13.57
CA SER A 104 25.57 -17.36 13.59
C SER A 104 25.40 -16.87 15.02
N CYS A 105 24.52 -17.54 15.78
CA CYS A 105 24.33 -17.25 17.20
C CYS A 105 25.54 -17.61 18.04
N GLU A 106 26.31 -18.62 17.59
CA GLU A 106 27.41 -19.19 18.32
C GLU A 106 26.93 -19.75 19.65
N CYS A 107 25.80 -20.45 19.56
CA CYS A 107 25.16 -21.02 20.73
C CYS A 107 24.39 -22.26 20.36
N THR A 108 23.92 -22.95 21.38
CA THR A 108 23.19 -24.19 21.23
C THR A 108 21.78 -23.97 20.68
N VAL A 109 21.36 -24.83 19.76
CA VAL A 109 20.04 -24.75 19.17
C VAL A 109 19.35 -26.10 19.32
N ILE A 110 18.09 -26.09 19.73
CA ILE A 110 17.31 -27.32 19.88
C ILE A 110 16.07 -27.26 19.00
N SER A 111 16.01 -28.18 18.03
CA SER A 111 14.90 -28.23 17.10
C SER A 111 13.90 -29.27 17.62
N VAL A 112 12.60 -28.97 17.56
CA VAL A 112 11.57 -29.84 18.11
C VAL A 112 10.68 -30.47 17.02
N ASP A 113 10.47 -31.79 17.11
CA ASP A 113 9.47 -32.49 16.28
C ASP A 113 8.11 -32.59 16.95
N TYR A 114 7.41 -31.46 17.05
CA TYR A 114 6.09 -31.43 17.67
C TYR A 114 5.11 -32.23 16.85
N ARG A 115 4.07 -32.72 17.51
CA ARG A 115 3.04 -33.51 16.82
C ARG A 115 2.19 -32.68 15.88
N LEU A 116 1.84 -33.28 14.75
CA LEU A 116 1.19 -32.61 13.65
C LEU A 116 -0.27 -33.01 13.44
N ALA A 117 -1.04 -32.11 12.83
CA ALA A 117 -2.40 -32.42 12.36
C ALA A 117 -2.32 -33.12 11.00
N PRO A 118 -3.39 -33.81 10.57
CA PRO A 118 -4.68 -34.04 11.24
C PRO A 118 -4.67 -35.08 12.38
N GLU A 119 -3.56 -35.76 12.61
CA GLU A 119 -3.50 -36.79 13.65
C GLU A 119 -3.72 -36.14 15.02
N TYR A 120 -3.00 -35.07 15.29
CA TYR A 120 -3.10 -34.36 16.56
C TYR A 120 -3.47 -32.90 16.31
N LYS A 121 -4.67 -32.55 16.75
CA LYS A 121 -5.23 -31.26 16.46
C LYS A 121 -4.75 -30.24 17.49
N PHE A 122 -4.98 -28.97 17.18
CA PHE A 122 -4.83 -27.90 18.14
C PHE A 122 -5.53 -28.29 19.46
N PRO A 123 -4.90 -28.01 20.61
CA PRO A 123 -3.64 -27.29 20.82
C PRO A 123 -2.37 -28.16 21.04
N THR A 124 -2.35 -29.39 20.52
CA THR A 124 -1.27 -30.34 20.81
C THR A 124 0.11 -29.80 20.46
N ALA A 125 0.26 -29.31 19.23
CA ALA A 125 1.54 -28.67 18.79
C ALA A 125 2.03 -27.56 19.71
N VAL A 126 1.10 -26.74 20.20
CA VAL A 126 1.49 -25.61 21.06
C VAL A 126 2.05 -26.10 22.38
N TYR A 127 1.37 -27.08 22.96
CA TYR A 127 1.84 -27.67 24.22
C TYR A 127 3.08 -28.54 24.08
N ASP A 128 3.25 -29.21 22.94
CA ASP A 128 4.48 -29.96 22.70
C ASP A 128 5.68 -29.03 22.67
N CYS A 129 5.52 -27.88 22.01
CA CYS A 129 6.61 -26.92 21.90
C CYS A 129 6.89 -26.30 23.25
N PHE A 130 5.83 -26.03 24.03
CA PHE A 130 6.01 -25.36 25.32
C PHE A 130 6.68 -26.30 26.31
N ASN A 131 6.24 -27.56 26.34
CA ASN A 131 6.90 -28.60 27.18
C ASN A 131 8.37 -28.82 26.84
N ALA A 132 8.72 -28.69 25.56
CA ALA A 132 10.13 -28.75 25.15
C ALA A 132 10.95 -27.54 25.73
N ILE A 133 10.35 -26.36 25.83
CA ILE A 133 11.02 -25.21 26.46
C ILE A 133 11.21 -25.43 27.95
N VAL A 134 10.16 -25.92 28.60
CA VAL A 134 10.24 -26.25 30.02
C VAL A 134 11.30 -27.33 30.27
N TRP A 135 11.36 -28.35 29.42
CA TRP A 135 12.43 -29.39 29.51
C TRP A 135 13.81 -28.81 29.40
N ALA A 136 14.03 -27.93 28.43
CA ALA A 136 15.33 -27.27 28.24
C ALA A 136 15.75 -26.45 29.46
N ARG A 137 14.78 -25.74 30.04
CA ARG A 137 15.06 -24.93 31.23
C ARG A 137 15.39 -25.82 32.43
N ASP A 138 14.63 -26.89 32.60
CA ASP A 138 14.90 -27.90 33.63
C ASP A 138 16.25 -28.61 33.47
N ASN A 139 16.72 -28.78 32.25
CA ASN A 139 18.05 -29.36 31.97
C ASN A 139 19.14 -28.35 31.61
N ALA A 140 18.97 -27.11 32.04
CA ALA A 140 19.86 -25.99 31.66
C ALA A 140 21.33 -26.23 32.01
N GLY A 141 21.55 -26.77 33.20
CA GLY A 141 22.91 -27.08 33.68
C GLY A 141 23.56 -28.17 32.83
N GLU A 142 22.77 -29.18 32.48
CA GLU A 142 23.24 -30.31 31.65
C GLU A 142 23.61 -29.82 30.26
N LEU A 143 22.85 -28.86 29.74
CA LEU A 143 23.09 -28.30 28.42
C LEU A 143 24.18 -27.21 28.40
N GLY A 144 24.60 -26.76 29.56
CA GLY A 144 25.53 -25.65 29.68
C GLY A 144 24.95 -24.31 29.24
N ILE A 145 23.69 -24.06 29.55
CA ILE A 145 23.05 -22.82 29.15
C ILE A 145 22.50 -22.07 30.35
N ASP A 146 22.39 -20.76 30.19
CA ASP A 146 21.78 -19.86 31.17
C ASP A 146 20.26 -19.95 31.05
N LYS A 147 19.58 -20.17 32.18
CA LYS A 147 18.14 -20.18 32.21
C LYS A 147 17.49 -18.86 31.78
N ASP A 148 18.15 -17.73 31.97
CA ASP A 148 17.55 -16.45 31.53
C ASP A 148 17.99 -16.02 30.12
N LYS A 149 18.61 -16.96 29.37
CA LYS A 149 19.00 -16.69 27.98
C LYS A 149 18.40 -17.70 27.00
N ILE A 150 17.12 -18.01 27.17
CA ILE A 150 16.39 -18.90 26.30
C ILE A 150 15.53 -18.10 25.30
N ALA A 151 15.78 -18.28 24.01
CA ALA A 151 14.98 -17.62 22.97
C ALA A 151 14.23 -18.66 22.13
N THR A 152 13.14 -18.22 21.47
CA THR A 152 12.40 -19.03 20.56
C THR A 152 12.47 -18.51 19.12
N PHE A 153 12.44 -19.43 18.15
CA PHE A 153 12.56 -19.11 16.74
C PHE A 153 11.67 -20.06 15.93
N GLY A 154 11.06 -19.57 14.87
CA GLY A 154 10.13 -20.36 14.12
C GLY A 154 9.69 -19.69 12.85
N ILE A 155 9.42 -20.52 11.82
CA ILE A 155 9.04 -20.06 10.48
C ILE A 155 7.62 -20.51 10.15
N SER A 156 6.77 -19.56 9.75
CA SER A 156 5.41 -19.86 9.26
C SER A 156 4.44 -20.41 10.37
N ALA A 157 4.09 -21.68 10.33
CA ALA A 157 3.42 -22.31 11.47
C ALA A 157 4.34 -22.30 12.66
N GLY A 158 5.65 -22.40 12.44
CA GLY A 158 6.64 -22.30 13.50
C GLY A 158 6.58 -20.92 14.15
N GLY A 159 6.37 -19.89 13.34
CA GLY A 159 6.20 -18.54 13.84
C GLY A 159 4.93 -18.39 14.66
N ASN A 160 3.86 -19.05 14.22
CA ASN A 160 2.63 -19.17 15.03
C ASN A 160 2.91 -19.72 16.42
N LEU A 161 3.71 -20.82 16.45
CA LEU A 161 4.05 -21.53 17.69
C LEU A 161 4.94 -20.70 18.61
N VAL A 162 5.81 -19.88 18.03
CA VAL A 162 6.59 -18.89 18.77
C VAL A 162 5.68 -17.87 19.49
N ALA A 163 4.71 -17.34 18.78
CA ALA A 163 3.79 -16.34 19.37
C ALA A 163 2.92 -16.99 20.43
N ALA A 164 2.42 -18.19 20.13
CA ALA A 164 1.52 -18.92 21.07
C ALA A 164 2.26 -19.31 22.35
N THR A 165 3.48 -19.80 22.20
CA THR A 165 4.36 -20.15 23.30
C THR A 165 4.65 -19.01 24.22
N SER A 166 4.83 -17.83 23.66
CA SER A 166 5.14 -16.63 24.44
C SER A 166 3.98 -16.27 25.37
N LEU A 167 2.75 -16.52 24.92
CA LEU A 167 1.58 -16.30 25.76
C LEU A 167 1.49 -17.29 26.90
N LEU A 168 1.78 -18.57 26.63
CA LEU A 168 1.87 -19.58 27.67
C LEU A 168 3.01 -19.29 28.62
N ALA A 169 4.12 -18.78 28.08
CA ALA A 169 5.28 -18.50 28.90
C ALA A 169 4.95 -17.41 29.91
N ARG A 170 4.18 -16.43 29.47
CA ARG A 170 3.74 -15.34 30.31
C ARG A 170 2.74 -15.81 31.37
N ASP A 171 1.75 -16.61 30.96
CA ASP A 171 0.79 -17.22 31.91
C ASP A 171 1.48 -17.96 33.04
N ASN A 172 2.50 -18.73 32.70
CA ASN A 172 3.20 -19.60 33.65
C ASN A 172 4.43 -18.94 34.25
N LYS A 173 4.62 -17.65 34.00
CA LYS A 173 5.76 -16.90 34.51
C LYS A 173 7.12 -17.53 34.15
N LEU A 174 7.19 -18.12 32.97
CA LEU A 174 8.44 -18.64 32.44
C LEU A 174 9.09 -17.53 31.61
N LYS A 175 10.31 -17.16 31.94
CA LYS A 175 10.98 -16.07 31.24
C LYS A 175 11.67 -16.55 29.98
N LEU A 176 11.45 -15.83 28.89
CA LEU A 176 12.15 -16.03 27.64
C LEU A 176 12.82 -14.72 27.36
N THR A 177 14.05 -14.78 26.87
CA THR A 177 14.79 -13.56 26.60
C THR A 177 14.36 -12.91 25.29
N ALA A 178 13.93 -13.73 24.33
CA ALA A 178 13.57 -13.23 23.01
C ALA A 178 12.65 -14.19 22.25
N GLN A 179 11.97 -13.65 21.24
CA GLN A 179 11.13 -14.44 20.33
C GLN A 179 11.35 -13.97 18.91
N VAL A 180 11.46 -14.94 17.99
CA VAL A 180 11.73 -14.63 16.61
C VAL A 180 10.76 -15.35 15.68
N PRO A 181 9.53 -14.82 15.55
CA PRO A 181 8.61 -15.35 14.55
C PRO A 181 8.93 -14.82 13.17
N VAL A 182 9.27 -15.74 12.27
CA VAL A 182 9.56 -15.40 10.90
C VAL A 182 8.34 -15.81 10.05
N VAL A 183 7.91 -14.89 9.21
CA VAL A 183 6.69 -15.05 8.42
C VAL A 183 5.55 -15.82 9.14
N PRO A 184 5.24 -15.41 10.37
CA PRO A 184 4.25 -16.11 11.14
C PRO A 184 2.79 -16.02 10.68
N PHE A 185 2.03 -17.07 11.01
CA PHE A 185 0.57 -17.01 11.06
C PHE A 185 0.14 -16.61 12.46
N VAL A 186 -0.63 -15.51 12.58
CA VAL A 186 -1.11 -15.02 13.88
C VAL A 186 -2.61 -14.75 13.95
N TYR A 187 -3.32 -14.91 12.84
CA TYR A 187 -4.73 -14.51 12.77
C TYR A 187 -5.40 -15.05 11.50
N LEU A 188 -6.71 -15.22 11.55
CA LEU A 188 -7.49 -15.51 10.35
C LEU A 188 -7.76 -14.21 9.61
N ASP A 189 -6.78 -13.77 8.86
CA ASP A 189 -6.87 -12.52 8.12
C ASP A 189 -7.59 -12.67 6.80
N LEU A 190 -8.77 -12.07 6.67
CA LEU A 190 -9.50 -12.05 5.40
C LEU A 190 -9.47 -10.70 4.68
N ALA A 191 -9.02 -9.65 5.38
CA ALA A 191 -9.25 -8.29 4.91
C ALA A 191 -8.01 -7.60 4.33
N SER A 192 -6.81 -8.05 4.66
CA SER A 192 -5.60 -7.34 4.25
C SER A 192 -5.30 -7.43 2.77
N LYS A 193 -4.51 -6.49 2.29
CA LYS A 193 -4.12 -6.45 0.90
C LYS A 193 -3.21 -7.64 0.53
N SER A 194 -2.24 -7.91 1.40
CA SER A 194 -1.30 -9.00 1.14
C SER A 194 -2.06 -10.33 0.97
N MET A 195 -3.04 -10.59 1.82
CA MET A 195 -3.80 -11.81 1.79
C MET A 195 -4.56 -11.98 0.47
N ASN A 196 -5.26 -10.92 0.08
CA ASN A 196 -6.11 -10.99 -1.10
C ASN A 196 -5.33 -11.02 -2.40
N ARG A 197 -4.17 -10.38 -2.42
CA ARG A 197 -3.37 -10.25 -3.62
C ARG A 197 -2.43 -11.40 -3.84
N TYR A 198 -1.89 -11.95 -2.76
CA TYR A 198 -0.85 -13.00 -2.93
C TYR A 198 -1.28 -14.34 -2.34
N ARG A 199 -2.59 -14.59 -2.29
CA ARG A 199 -3.09 -15.86 -1.80
C ARG A 199 -3.15 -16.90 -2.92
N LYS A 200 -2.49 -16.65 -4.05
CA LYS A 200 -2.57 -17.60 -5.15
C LYS A 200 -1.54 -17.28 -6.22
N GLY A 201 -0.58 -18.18 -6.42
CA GLY A 201 0.48 -18.00 -7.41
C GLY A 201 1.81 -17.53 -6.82
N TYR A 202 2.01 -17.79 -5.54
CA TYR A 202 3.20 -17.42 -4.82
C TYR A 202 3.47 -18.46 -3.75
N PHE A 203 3.47 -19.73 -4.19
CA PHE A 203 3.78 -20.90 -3.38
C PHE A 203 2.76 -21.18 -2.30
N LEU A 204 2.66 -20.29 -1.32
CA LEU A 204 1.70 -20.43 -0.23
C LEU A 204 0.28 -20.17 -0.70
N ASP A 205 -0.38 -21.20 -1.23
CA ASP A 205 -1.70 -21.04 -1.76
C ASP A 205 -2.79 -21.23 -0.70
N ILE A 206 -3.56 -20.18 -0.45
CA ILE A 206 -4.58 -20.14 0.61
C ILE A 206 -5.97 -19.91 0.05
N ASN A 207 -6.93 -20.72 0.44
CA ASN A 207 -8.35 -20.51 0.10
C ASN A 207 -9.05 -19.79 1.22
N LEU A 208 -10.08 -19.01 0.87
CA LEU A 208 -10.86 -18.23 1.84
C LEU A 208 -12.30 -18.70 1.87
N PRO A 209 -12.98 -18.60 3.01
CA PRO A 209 -12.55 -17.96 4.26
C PRO A 209 -11.61 -18.80 5.14
N VAL A 210 -11.79 -20.12 5.16
CA VAL A 210 -10.95 -20.97 6.02
C VAL A 210 -10.16 -21.94 5.12
N ASP A 211 -8.83 -21.84 5.11
CA ASP A 211 -8.05 -22.71 4.24
C ASP A 211 -7.86 -24.12 4.82
N TYR A 212 -7.33 -24.98 3.94
CA TYR A 212 -7.20 -26.40 4.21
C TYR A 212 -6.37 -26.67 5.46
N GLY A 213 -5.26 -25.95 5.62
CA GLY A 213 -4.36 -26.20 6.72
C GLY A 213 -4.98 -25.92 8.06
N VAL A 214 -5.73 -24.81 8.15
CA VAL A 214 -6.42 -24.42 9.39
C VAL A 214 -7.52 -25.44 9.73
N LYS A 215 -8.34 -25.84 8.76
CA LYS A 215 -9.39 -26.83 8.98
C LYS A 215 -8.87 -28.16 9.55
N MET A 216 -7.67 -28.54 9.12
CA MET A 216 -7.04 -29.78 9.57
C MET A 216 -6.49 -29.65 10.99
N TYR A 217 -6.03 -28.45 11.34
CA TYR A 217 -5.39 -28.19 12.62
C TYR A 217 -6.40 -27.91 13.73
N ILE A 218 -7.42 -27.08 13.44
CA ILE A 218 -8.41 -26.72 14.47
C ILE A 218 -9.50 -27.78 14.64
N ARG A 219 -10.11 -27.79 15.83
CA ARG A 219 -11.16 -28.77 16.16
C ARG A 219 -12.50 -28.32 15.60
N ASP A 220 -12.82 -27.05 15.82
CA ASP A 220 -14.04 -26.45 15.32
C ASP A 220 -13.86 -24.93 15.24
N GLU A 221 -14.92 -24.24 14.81
CA GLU A 221 -14.86 -22.80 14.57
C GLU A 221 -14.59 -21.94 15.83
N LYS A 222 -14.87 -22.47 17.02
CA LYS A 222 -14.62 -21.74 18.27
C LYS A 222 -13.14 -21.50 18.52
N ASP A 223 -12.28 -22.37 17.97
CA ASP A 223 -10.81 -22.23 18.08
C ASP A 223 -10.27 -21.04 17.30
N LEU A 224 -11.01 -20.58 16.28
CA LEU A 224 -10.59 -19.43 15.49
C LEU A 224 -10.30 -18.18 16.33
N TYR A 225 -11.01 -17.97 17.42
CA TYR A 225 -10.76 -16.80 18.28
C TYR A 225 -9.99 -17.13 19.54
N ASN A 226 -9.44 -18.34 19.58
CA ASN A 226 -8.57 -18.74 20.69
C ASN A 226 -7.22 -18.03 20.51
N PRO A 227 -6.74 -17.35 21.56
CA PRO A 227 -5.47 -16.64 21.40
C PRO A 227 -4.24 -17.56 21.17
N LEU A 228 -4.29 -18.81 21.64
CA LEU A 228 -3.20 -19.75 21.36
C LEU A 228 -3.17 -20.19 19.89
N PHE A 229 -4.29 -20.06 19.18
CA PHE A 229 -4.32 -20.27 17.76
C PHE A 229 -4.05 -18.96 17.01
N SER A 230 -4.75 -17.90 17.44
CA SER A 230 -4.64 -16.55 16.84
C SER A 230 -4.19 -15.56 17.86
N PRO A 231 -2.88 -15.50 18.10
CA PRO A 231 -2.36 -14.60 19.12
C PRO A 231 -2.67 -13.10 18.88
N LEU A 232 -2.96 -12.72 17.65
CA LEU A 232 -3.28 -11.34 17.35
C LEU A 232 -4.59 -10.89 18.07
N ILE A 233 -5.48 -11.85 18.34
CA ILE A 233 -6.76 -11.55 18.96
C ILE A 233 -6.64 -11.49 20.46
N ALA A 234 -5.45 -11.69 20.99
CA ALA A 234 -5.24 -11.60 22.43
C ALA A 234 -5.59 -10.22 22.94
N GLU A 235 -6.28 -10.15 24.09
CA GLU A 235 -6.56 -8.85 24.75
C GLU A 235 -5.30 -8.15 25.14
N ASP A 236 -4.35 -8.86 25.71
CA ASP A 236 -3.10 -8.26 26.21
C ASP A 236 -1.86 -8.88 25.52
N LEU A 237 -1.03 -8.06 24.88
CA LEU A 237 0.23 -8.49 24.31
C LEU A 237 1.45 -7.82 24.96
N SER A 238 1.30 -7.32 26.18
CA SER A 238 2.43 -6.73 26.92
C SER A 238 3.15 -7.80 27.74
N ASN A 239 4.32 -7.45 28.28
CA ASN A 239 5.13 -8.36 29.09
C ASN A 239 5.47 -9.65 28.36
N LEU A 240 5.67 -9.52 27.06
CA LEU A 240 6.10 -10.60 26.24
C LEU A 240 7.55 -10.33 25.91
N PRO A 241 8.26 -11.38 25.43
CA PRO A 241 9.67 -11.20 25.20
C PRO A 241 9.98 -10.23 24.05
N GLN A 242 11.09 -9.57 24.15
CA GLN A 242 11.64 -8.79 23.06
C GLN A 242 11.54 -9.58 21.73
N ALA A 243 11.01 -8.93 20.69
CA ALA A 243 10.68 -9.63 19.44
C ALA A 243 11.46 -9.19 18.21
N ILE A 244 11.79 -10.14 17.36
CA ILE A 244 12.25 -9.86 16.01
C ILE A 244 11.25 -10.51 15.05
N VAL A 245 10.36 -9.72 14.46
CA VAL A 245 9.38 -10.20 13.47
C VAL A 245 9.81 -9.90 12.05
N VAL A 246 9.84 -10.95 11.24
CA VAL A 246 10.32 -10.83 9.87
C VAL A 246 9.20 -11.22 8.93
N THR A 247 8.95 -10.40 7.91
CA THR A 247 7.94 -10.66 6.94
C THR A 247 8.54 -10.64 5.52
N ALA A 248 7.76 -11.13 4.55
CA ALA A 248 8.11 -11.06 3.16
C ALA A 248 7.06 -10.27 2.37
N GLU A 249 7.52 -9.52 1.37
CA GLU A 249 6.63 -8.62 0.61
C GLU A 249 5.50 -9.32 -0.13
N TYR A 250 5.79 -10.41 -0.81
CA TYR A 250 4.76 -11.10 -1.62
C TYR A 250 4.30 -12.39 -0.96
N ASP A 251 4.00 -12.27 0.33
CA ASP A 251 3.54 -13.31 1.19
C ASP A 251 2.14 -12.92 1.63
N PRO A 252 1.18 -13.84 1.53
CA PRO A 252 -0.17 -13.46 1.98
C PRO A 252 -0.25 -13.14 3.47
N LEU A 253 0.66 -13.65 4.26
CA LEU A 253 0.66 -13.48 5.71
C LEU A 253 1.44 -12.24 6.11
N ARG A 254 1.94 -11.48 5.13
CA ARG A 254 2.75 -10.28 5.42
C ARG A 254 2.08 -9.31 6.37
N ASP A 255 0.85 -8.94 6.07
CA ASP A 255 0.18 -7.84 6.83
C ASP A 255 -0.16 -8.23 8.27
N GLN A 256 -0.59 -9.46 8.50
CA GLN A 256 -0.85 -9.94 9.87
C GLN A 256 0.39 -9.99 10.72
N GLY A 257 1.52 -10.42 10.13
CA GLY A 257 2.81 -10.39 10.84
C GLY A 257 3.23 -8.97 11.22
N GLU A 258 3.15 -8.03 10.29
CA GLU A 258 3.47 -6.63 10.58
C GLU A 258 2.51 -6.01 11.60
N ALA A 259 1.24 -6.41 11.57
CA ALA A 259 0.28 -6.08 12.61
C ALA A 259 0.63 -6.57 13.99
N TYR A 260 1.10 -7.81 14.10
CA TYR A 260 1.53 -8.41 15.37
C TYR A 260 2.70 -7.64 15.95
N ALA A 261 3.64 -7.29 15.10
CA ALA A 261 4.82 -6.54 15.51
C ALA A 261 4.42 -5.15 15.98
N TYR A 262 3.48 -4.49 15.31
CA TYR A 262 3.02 -3.19 15.81
C TYR A 262 2.30 -3.31 17.14
N ARG A 263 1.45 -4.33 17.29
CA ARG A 263 0.75 -4.56 18.53
C ARG A 263 1.70 -4.76 19.73
N LEU A 264 2.81 -5.45 19.50
CA LEU A 264 3.84 -5.60 20.52
C LEU A 264 4.46 -4.24 20.86
N MET A 265 4.80 -3.43 19.85
CA MET A 265 5.40 -2.13 20.07
C MET A 265 4.48 -1.23 20.88
N GLU A 266 3.21 -1.24 20.52
CA GLU A 266 2.21 -0.49 21.23
C GLU A 266 2.02 -0.95 22.67
N SER A 267 2.28 -2.25 22.94
CA SER A 267 2.14 -2.82 24.28
C SER A 267 3.38 -2.64 25.11
N GLY A 268 4.41 -2.02 24.56
CA GLY A 268 5.61 -1.75 25.33
C GLY A 268 6.76 -2.66 25.15
N VAL A 269 6.59 -3.68 24.32
CA VAL A 269 7.65 -4.67 24.10
C VAL A 269 8.66 -4.18 23.05
N PRO A 270 9.94 -4.09 23.41
CA PRO A 270 10.95 -3.72 22.38
C PRO A 270 11.01 -4.75 21.21
N THR A 271 10.86 -4.23 19.99
CA THR A 271 10.55 -5.00 18.80
C THR A 271 11.27 -4.41 17.61
N LEU A 272 11.90 -5.28 16.84
CA LEU A 272 12.36 -5.00 15.50
C LEU A 272 11.46 -5.77 14.56
N SER A 273 11.08 -5.15 13.48
CA SER A 273 10.19 -5.69 12.50
C SER A 273 10.70 -5.22 11.16
N PHE A 274 11.01 -6.15 10.29
CA PHE A 274 11.42 -5.74 8.95
C PHE A 274 10.79 -6.64 7.94
N ARG A 275 10.62 -6.11 6.74
CA ARG A 275 10.00 -6.79 5.62
C ARG A 275 11.06 -7.05 4.54
N VAL A 276 11.22 -8.32 4.14
CA VAL A 276 12.16 -8.66 3.06
C VAL A 276 11.44 -8.48 1.70
N ASN A 277 11.93 -7.56 0.89
CA ASN A 277 11.30 -7.31 -0.38
C ASN A 277 11.68 -8.33 -1.49
N GLY A 278 10.81 -8.45 -2.49
CA GLY A 278 11.05 -9.27 -3.66
C GLY A 278 11.06 -10.76 -3.39
N ASN A 279 10.47 -11.15 -2.27
CA ASN A 279 10.45 -12.51 -1.81
C ASN A 279 9.10 -12.96 -1.40
N VAL A 280 8.89 -14.27 -1.57
CA VAL A 280 7.63 -14.89 -1.25
C VAL A 280 7.75 -15.52 0.13
N HIS A 281 6.69 -16.16 0.56
CA HIS A 281 6.66 -16.76 1.89
C HIS A 281 7.84 -17.67 2.15
N ALA A 282 8.48 -17.44 3.30
CA ALA A 282 9.62 -18.27 3.76
C ALA A 282 10.88 -18.17 2.87
N PHE A 283 10.91 -17.21 1.96
CA PHE A 283 12.07 -16.95 1.09
C PHE A 283 12.37 -18.13 0.17
N LEU A 284 11.32 -18.87 -0.20
CA LEU A 284 11.43 -20.00 -1.09
C LEU A 284 11.85 -19.60 -2.49
N GLY A 285 12.71 -20.42 -3.08
CA GLY A 285 13.29 -20.11 -4.39
C GLY A 285 14.50 -19.19 -4.32
N SER A 286 14.92 -18.81 -3.10
CA SER A 286 16.08 -17.99 -2.89
C SER A 286 16.88 -18.42 -1.67
N PRO A 287 17.71 -19.47 -1.82
CA PRO A 287 18.52 -19.90 -0.70
C PRO A 287 19.48 -18.84 -0.19
N ARG A 288 19.95 -17.95 -1.07
CA ARG A 288 20.81 -16.83 -0.67
C ARG A 288 20.09 -15.91 0.35
N THR A 289 18.87 -15.50 0.03
CA THR A 289 18.06 -14.69 0.97
C THR A 289 17.75 -15.41 2.28
N SER A 290 17.44 -16.69 2.17
CA SER A 290 17.12 -17.52 3.34
C SER A 290 18.31 -17.57 4.29
N ARG A 291 19.49 -17.67 3.73
CA ARG A 291 20.70 -17.70 4.52
C ARG A 291 20.96 -16.34 5.21
N GLN A 292 20.86 -15.28 4.42
CA GLN A 292 21.11 -13.91 4.89
C GLN A 292 20.20 -13.52 6.03
N VAL A 293 18.93 -13.86 5.91
CA VAL A 293 17.97 -13.60 7.01
C VAL A 293 18.36 -14.30 8.28
N THR A 294 18.72 -15.60 8.15
CA THR A 294 19.13 -16.43 9.32
C THR A 294 20.38 -15.86 10.00
N VAL A 295 21.34 -15.43 9.18
CA VAL A 295 22.58 -14.83 9.67
C VAL A 295 22.33 -13.49 10.40
N MET A 296 21.46 -12.66 9.81
CA MET A 296 21.05 -11.38 10.47
C MET A 296 20.42 -11.63 11.85
N ILE A 297 19.50 -12.57 11.88
CA ILE A 297 18.81 -12.91 13.12
C ILE A 297 19.81 -13.41 14.13
N GLY A 298 20.74 -14.28 13.72
CA GLY A 298 21.78 -14.81 14.61
C GLY A 298 22.65 -13.73 15.23
N ALA A 299 23.04 -12.76 14.41
CA ALA A 299 23.82 -11.63 14.90
C ALA A 299 23.09 -10.83 16.00
N LEU A 300 21.78 -10.65 15.84
CA LEU A 300 20.97 -9.96 16.84
C LEU A 300 20.76 -10.76 18.09
N LEU A 301 20.50 -12.05 17.95
CA LEU A 301 20.42 -12.96 19.12
C LEU A 301 21.72 -13.05 19.89
N LYS A 302 22.80 -13.19 19.14
CA LYS A 302 24.16 -13.22 19.74
C LYS A 302 24.39 -11.94 20.56
N ASP A 303 23.93 -10.83 20.04
CA ASP A 303 24.03 -9.56 20.72
C ASP A 303 23.16 -9.47 21.96
N ILE A 304 21.98 -10.05 21.93
CA ILE A 304 21.16 -10.16 23.14
C ILE A 304 21.77 -11.12 24.17
N PHE A 305 22.42 -12.19 23.71
CA PHE A 305 23.06 -13.17 24.61
C PHE A 305 24.33 -12.67 25.27
N LYS A 306 25.09 -11.78 24.64
CA LYS A 306 26.14 -10.98 25.39
C LYS A 306 25.65 -10.54 26.79
N MET B 1 -0.22 8.09 13.54
CA MET B 1 0.36 6.88 12.86
C MET B 1 0.94 5.88 13.83
N PRO B 2 1.02 4.59 13.41
CA PRO B 2 1.54 3.54 14.24
C PRO B 2 3.06 3.45 14.14
N LEU B 3 3.72 4.43 14.70
CA LEU B 3 5.14 4.43 14.86
C LEU B 3 5.53 3.70 16.13
N ASP B 4 6.81 3.38 16.24
CA ASP B 4 7.38 2.98 17.50
C ASP B 4 7.18 4.14 18.52
N PRO B 5 6.72 3.82 19.73
CA PRO B 5 6.43 4.86 20.71
C PRO B 5 7.61 5.80 21.00
N GLU B 6 8.81 5.25 21.01
CA GLU B 6 10.01 6.04 21.24
C GLU B 6 10.24 7.01 20.10
N VAL B 7 9.91 6.59 18.89
CA VAL B 7 10.07 7.44 17.72
C VAL B 7 9.02 8.55 17.71
N ARG B 8 7.79 8.20 18.09
CA ARG B 8 6.71 9.18 18.20
C ARG B 8 7.07 10.28 19.19
N ASN B 9 7.63 9.88 20.33
CA ASN B 9 8.10 10.83 21.33
C ASN B 9 9.21 11.73 20.82
N PHE B 10 10.14 11.16 20.07
CA PHE B 10 11.21 11.95 19.45
C PHE B 10 10.66 13.03 18.50
N LEU B 11 9.65 12.70 17.73
CA LEU B 11 9.06 13.65 16.80
C LEU B 11 8.38 14.83 17.54
N GLN B 12 7.69 14.54 18.65
CA GLN B 12 7.08 15.58 19.46
C GLN B 12 8.13 16.57 19.97
N VAL B 13 9.23 16.03 20.46
CA VAL B 13 10.30 16.87 20.97
C VAL B 13 10.95 17.64 19.83
N TYR B 14 11.09 16.99 18.68
CA TYR B 14 11.81 17.59 17.58
C TYR B 14 11.11 18.83 17.04
N TYR B 15 9.79 18.73 16.87
CA TYR B 15 9.01 19.85 16.31
C TYR B 15 8.80 20.97 17.33
N LYS B 16 8.71 20.64 18.62
CA LYS B 16 8.65 21.63 19.68
C LYS B 16 9.96 22.42 19.77
N ALA B 17 11.08 21.77 19.46
CA ALA B 17 12.40 22.42 19.48
C ALA B 17 12.54 23.53 18.41
N ASN B 18 11.96 23.34 17.24
CA ASN B 18 11.99 24.33 16.15
C ASN B 18 13.44 24.70 15.74
N ILE B 19 14.16 23.73 15.23
CA ILE B 19 15.58 23.89 14.90
C ILE B 19 15.73 24.60 13.56
N ILE B 20 15.00 24.13 12.55
CA ILE B 20 15.05 24.68 11.19
C ILE B 20 14.05 25.83 11.04
N ASP B 21 14.52 27.05 11.28
CA ASP B 21 13.69 28.28 11.23
C ASP B 21 14.58 29.41 10.68
N PHE B 22 14.38 29.73 9.41
CA PHE B 22 15.21 30.72 8.71
C PHE B 22 14.86 32.15 9.09
N THR B 23 13.76 32.37 9.80
CA THR B 23 13.46 33.69 10.38
C THR B 23 14.46 34.01 11.49
N LYS B 24 14.82 33.01 12.29
CA LYS B 24 15.58 33.21 13.54
C LYS B 24 17.07 32.93 13.40
N TYR B 25 17.38 31.90 12.62
CA TYR B 25 18.73 31.40 12.53
C TYR B 25 19.26 31.51 11.11
N GLN B 26 20.56 31.72 11.01
CA GLN B 26 21.26 31.73 9.73
C GLN B 26 21.58 30.29 9.34
N PHE B 27 21.96 30.08 8.08
CA PHE B 27 22.12 28.71 7.56
C PHE B 27 23.24 27.94 8.31
N GLN B 28 24.37 28.58 8.57
CA GLN B 28 25.48 27.93 9.28
C GLN B 28 25.10 27.47 10.69
N GLU B 29 24.29 28.25 11.36
CA GLU B 29 23.81 27.90 12.68
C GLU B 29 22.87 26.68 12.62
N ILE B 30 22.03 26.63 11.60
CA ILE B 30 21.11 25.52 11.41
C ILE B 30 21.90 24.23 11.08
N ARG B 31 22.91 24.36 10.22
CA ARG B 31 23.81 23.28 9.91
C ARG B 31 24.38 22.65 11.18
N GLN B 32 24.95 23.47 12.06
CA GLN B 32 25.55 22.95 13.29
C GLN B 32 24.51 22.49 14.31
N LYS B 33 23.32 23.08 14.29
CA LYS B 33 22.23 22.64 15.16
C LYS B 33 21.78 21.22 14.80
N VAL B 34 21.64 20.94 13.52
CA VAL B 34 21.25 19.63 13.05
C VAL B 34 22.40 18.60 13.18
N ASN B 35 23.64 19.03 12.88
CA ASN B 35 24.80 18.17 13.10
C ASN B 35 24.89 17.67 14.56
N GLU B 36 24.63 18.55 15.53
CA GLU B 36 24.66 18.17 16.95
C GLU B 36 23.59 17.14 17.26
N LEU B 37 22.42 17.35 16.68
CA LEU B 37 21.31 16.44 16.87
C LEU B 37 21.64 15.04 16.28
N LEU B 38 22.24 15.01 15.07
CA LEU B 38 22.62 13.75 14.45
C LEU B 38 23.77 13.02 15.17
N ALA B 39 24.75 13.80 15.62
CA ALA B 39 25.92 13.25 16.32
C ALA B 39 25.58 12.57 17.66
N LYS B 40 24.54 13.02 18.35
CA LYS B 40 24.19 12.52 19.68
C LYS B 40 23.07 11.50 19.62
N ALA B 41 22.67 11.13 18.43
CA ALA B 41 21.50 10.28 18.24
C ALA B 41 21.70 8.85 18.75
N VAL B 42 22.84 8.25 18.41
CA VAL B 42 23.21 6.89 18.83
C VAL B 42 24.42 6.93 19.75
N PRO B 43 24.45 6.12 20.81
CA PRO B 43 25.64 6.03 21.67
C PRO B 43 26.87 5.40 20.99
N LYS B 44 28.07 5.85 21.36
CA LYS B 44 29.28 5.43 20.69
C LYS B 44 29.79 4.15 21.34
N ASP B 45 29.87 3.08 20.55
CA ASP B 45 30.46 1.84 21.03
C ASP B 45 31.97 1.94 20.91
N PRO B 46 32.68 1.29 21.83
CA PRO B 46 34.11 1.30 21.75
C PRO B 46 34.65 0.43 20.59
N VAL B 47 35.73 0.90 19.96
CA VAL B 47 36.40 0.19 18.91
C VAL B 47 37.85 -0.09 19.27
N GLY B 48 38.58 -0.74 18.36
CA GLY B 48 39.98 -1.02 18.57
C GLY B 48 40.84 0.24 18.56
N GLU B 49 40.66 1.05 17.54
CA GLU B 49 41.52 2.21 17.32
C GLU B 49 40.88 3.22 16.37
N THR B 50 41.34 4.47 16.43
CA THR B 50 40.83 5.54 15.58
C THR B 50 41.99 6.36 15.09
N ARG B 51 42.04 6.68 13.80
CA ARG B 51 43.10 7.49 13.25
C ARG B 51 42.52 8.51 12.27
N ASP B 52 42.83 9.80 12.44
CA ASP B 52 42.43 10.83 11.48
C ASP B 52 43.57 11.15 10.54
N MET B 53 43.28 11.36 9.27
CA MET B 53 44.30 11.84 8.29
C MET B 53 43.62 12.51 7.11
N LYS B 54 44.39 12.92 6.11
CA LYS B 54 43.85 13.60 4.93
C LYS B 54 44.41 13.00 3.63
N ILE B 55 43.57 12.75 2.65
CA ILE B 55 43.98 12.30 1.33
C ILE B 55 44.27 13.53 0.49
N LYS B 56 45.41 13.52 -0.18
CA LYS B 56 45.86 14.68 -0.97
C LYS B 56 45.35 14.57 -2.41
N LEU B 57 44.34 15.35 -2.75
CA LEU B 57 43.82 15.39 -4.12
C LEU B 57 44.47 16.55 -4.88
N GLU B 58 44.22 16.63 -6.18
CA GLU B 58 44.69 17.73 -7.03
C GLU B 58 44.36 19.13 -6.46
N ASP B 59 43.11 19.32 -6.03
CA ASP B 59 42.63 20.66 -5.68
C ASP B 59 42.24 20.78 -4.21
N TYR B 60 42.47 19.73 -3.44
CA TYR B 60 41.91 19.65 -2.09
C TYR B 60 42.57 18.55 -1.27
N GLU B 61 42.46 18.69 0.05
CA GLU B 61 42.89 17.70 1.01
C GLU B 61 41.66 17.16 1.69
N LEU B 62 41.35 15.89 1.37
CA LEU B 62 40.11 15.26 1.79
C LEU B 62 40.25 14.56 3.14
N PRO B 63 39.62 15.08 4.21
CA PRO B 63 39.76 14.44 5.54
C PRO B 63 39.07 13.09 5.62
N ILE B 64 39.73 12.12 6.26
CA ILE B 64 39.14 10.83 6.53
C ILE B 64 39.41 10.35 7.96
N ARG B 65 38.59 9.43 8.47
CA ARG B 65 38.85 8.79 9.76
C ARG B 65 38.88 7.28 9.55
N ILE B 66 39.94 6.63 10.01
CA ILE B 66 40.06 5.16 9.89
C ILE B 66 39.67 4.49 11.20
N TYR B 67 38.68 3.61 11.17
CA TYR B 67 38.26 2.86 12.37
C TYR B 67 38.78 1.43 12.32
N SER B 68 39.43 0.99 13.38
CA SER B 68 39.86 -0.39 13.55
C SER B 68 38.96 -1.05 14.56
N PRO B 69 38.45 -2.24 14.23
CA PRO B 69 37.47 -2.90 15.10
C PRO B 69 38.10 -3.43 16.38
N ILE B 70 37.26 -3.75 17.38
CA ILE B 70 37.74 -4.40 18.61
C ILE B 70 38.40 -5.73 18.24
N LYS B 71 37.76 -6.49 17.37
CA LYS B 71 38.29 -7.75 16.86
C LYS B 71 38.29 -7.75 15.36
N ARG B 72 39.48 -7.92 14.77
CA ARG B 72 39.63 -7.83 13.32
C ARG B 72 39.81 -9.24 12.76
N THR B 73 38.84 -9.76 12.02
CA THR B 73 38.88 -11.14 11.53
C THR B 73 38.92 -11.30 10.01
N ASN B 74 38.93 -10.19 9.29
CA ASN B 74 39.04 -10.27 7.82
C ASN B 74 39.70 -9.00 7.26
N ASN B 75 39.98 -8.99 5.95
CA ASN B 75 40.70 -7.87 5.38
C ASN B 75 39.84 -7.13 4.40
N GLY B 76 38.57 -7.05 4.77
CA GLY B 76 37.63 -6.23 4.06
C GLY B 76 37.79 -4.76 4.43
N LEU B 77 37.21 -3.90 3.60
CA LEU B 77 37.19 -2.48 3.83
C LEU B 77 35.80 -1.94 3.47
N VAL B 78 35.27 -1.10 4.34
CA VAL B 78 34.00 -0.47 4.09
C VAL B 78 34.19 1.06 4.06
N MET B 79 33.93 1.67 2.91
CA MET B 79 33.99 3.13 2.78
C MET B 79 32.62 3.68 3.25
N HIS B 80 32.66 4.60 4.18
CA HIS B 80 31.44 5.12 4.73
C HIS B 80 31.24 6.60 4.34
N PHE B 81 30.15 6.88 3.62
CA PHE B 81 29.78 8.24 3.26
C PHE B 81 28.59 8.68 4.09
N HIS B 82 28.76 9.78 4.84
CA HIS B 82 27.69 10.28 5.70
C HIS B 82 26.54 10.90 4.94
N GLY B 83 25.38 10.97 5.60
CA GLY B 83 24.22 11.66 5.09
C GLY B 83 24.16 13.13 5.48
N GLY B 84 22.99 13.72 5.20
CA GLY B 84 22.80 15.17 5.49
C GLY B 84 22.42 16.03 4.30
N ALA B 85 21.68 15.46 3.36
CA ALA B 85 21.10 16.21 2.26
C ALA B 85 22.09 17.02 1.42
N TRP B 86 23.31 16.54 1.29
CA TRP B 86 24.40 17.20 0.53
C TRP B 86 24.84 18.55 1.10
N ILE B 87 24.24 19.00 2.20
CA ILE B 87 24.49 20.34 2.73
C ILE B 87 24.99 20.37 4.18
N LEU B 88 24.93 19.22 4.87
CA LEU B 88 25.39 19.15 6.26
C LEU B 88 25.80 17.70 6.57
N GLY B 89 26.14 17.45 7.84
CA GLY B 89 26.69 16.21 8.26
C GLY B 89 28.21 16.15 8.12
N SER B 90 28.82 15.17 8.76
CA SER B 90 30.27 14.97 8.71
C SER B 90 30.64 13.55 9.22
N ILE B 91 31.93 13.29 9.31
CA ILE B 91 32.43 12.08 9.95
C ILE B 91 31.94 12.01 11.41
N GLU B 92 31.82 13.18 12.06
CA GLU B 92 31.41 13.25 13.46
C GLU B 92 29.96 12.86 13.65
N THR B 93 29.11 13.26 12.71
CA THR B 93 27.67 13.03 12.83
C THR B 93 27.31 11.58 12.73
N GLU B 94 28.10 10.80 11.96
CA GLU B 94 27.88 9.39 11.80
C GLU B 94 28.99 8.53 12.40
N ASP B 95 29.72 9.12 13.33
CA ASP B 95 30.81 8.40 13.99
C ASP B 95 30.31 7.15 14.74
N ALA B 96 29.19 7.27 15.43
CA ALA B 96 28.61 6.17 16.20
C ALA B 96 28.23 5.00 15.31
N ILE B 97 27.80 5.31 14.09
CA ILE B 97 27.43 4.25 13.15
C ILE B 97 28.70 3.54 12.63
N SER B 98 29.76 4.31 12.37
CA SER B 98 31.01 3.78 11.88
C SER B 98 31.58 2.78 12.87
N ARG B 99 31.46 3.11 14.15
CA ARG B 99 31.95 2.25 15.24
C ARG B 99 31.21 0.92 15.29
N ILE B 100 29.87 0.98 15.27
CA ILE B 100 29.09 -0.21 15.33
C ILE B 100 29.31 -1.09 14.06
N LEU B 101 29.46 -0.41 12.93
CA LEU B 101 29.63 -1.08 11.67
C LEU B 101 30.97 -1.83 11.65
N SER B 102 32.04 -1.14 12.09
CA SER B 102 33.37 -1.70 12.12
C SER B 102 33.42 -2.96 13.00
N ASN B 103 32.85 -2.85 14.20
CA ASN B 103 32.80 -3.99 15.13
C ASN B 103 32.02 -5.21 14.59
N SER B 104 30.90 -4.93 13.94
CA SER B 104 30.03 -5.95 13.41
C SER B 104 30.64 -6.60 12.19
N CYS B 105 31.20 -5.78 11.30
CA CYS B 105 31.95 -6.30 10.14
C CYS B 105 33.23 -7.03 10.54
N GLU B 106 33.80 -6.64 11.68
CA GLU B 106 35.10 -7.10 12.11
C GLU B 106 36.15 -6.75 11.06
N CYS B 107 36.06 -5.54 10.53
CA CYS B 107 36.99 -5.05 9.52
C CYS B 107 37.12 -3.52 9.58
N THR B 108 38.05 -3.02 8.77
CA THR B 108 38.39 -1.61 8.76
C THR B 108 37.29 -0.77 8.11
N VAL B 109 37.01 0.38 8.69
CA VAL B 109 36.03 1.31 8.15
C VAL B 109 36.68 2.66 7.97
N ILE B 110 36.48 3.28 6.81
CA ILE B 110 36.97 4.63 6.54
C ILE B 110 35.80 5.58 6.24
N SER B 111 35.59 6.56 7.13
CA SER B 111 34.59 7.64 6.91
C SER B 111 35.18 8.79 6.14
N VAL B 112 34.45 9.32 5.17
CA VAL B 112 34.94 10.41 4.33
C VAL B 112 34.17 11.73 4.59
N ASP B 113 34.93 12.82 4.73
CA ASP B 113 34.37 14.16 4.77
C ASP B 113 34.39 14.78 3.36
N TYR B 114 33.53 14.33 2.48
CA TYR B 114 33.36 14.95 1.17
C TYR B 114 32.85 16.40 1.29
N ARG B 115 33.19 17.21 0.29
CA ARG B 115 32.77 18.60 0.25
C ARG B 115 31.27 18.74 0.02
N LEU B 116 30.68 19.73 0.68
CA LEU B 116 29.23 19.91 0.71
C LEU B 116 28.75 21.14 -0.06
N ALA B 117 27.48 21.10 -0.47
CA ALA B 117 26.78 22.29 -0.97
C ALA B 117 26.35 23.19 0.18
N PRO B 118 26.12 24.49 -0.09
CA PRO B 118 26.16 25.18 -1.37
C PRO B 118 27.54 25.61 -1.82
N GLU B 119 28.57 25.41 -0.99
CA GLU B 119 29.92 25.85 -1.33
C GLU B 119 30.43 25.11 -2.54
N TYR B 120 30.20 23.79 -2.58
CA TYR B 120 30.59 22.98 -3.71
C TYR B 120 29.37 22.25 -4.23
N LYS B 121 29.02 22.53 -5.48
CA LYS B 121 27.81 21.99 -6.05
C LYS B 121 28.08 20.57 -6.61
N PHE B 122 26.99 19.87 -6.92
CA PHE B 122 27.05 18.66 -7.71
C PHE B 122 27.91 18.94 -8.96
N PRO B 123 28.78 17.99 -9.37
CA PRO B 123 29.01 16.64 -8.84
C PRO B 123 30.21 16.49 -7.90
N THR B 124 30.61 17.54 -7.19
CA THR B 124 31.80 17.52 -6.34
C THR B 124 31.77 16.38 -5.33
N ALA B 125 30.72 16.30 -4.52
CA ALA B 125 30.62 15.25 -3.49
C ALA B 125 30.81 13.84 -4.09
N VAL B 126 30.22 13.58 -5.25
CA VAL B 126 30.28 12.29 -5.89
C VAL B 126 31.74 11.96 -6.23
N TYR B 127 32.48 12.95 -6.75
CA TYR B 127 33.89 12.73 -7.13
C TYR B 127 34.82 12.62 -5.91
N ASP B 128 34.52 13.35 -4.85
CA ASP B 128 35.32 13.27 -3.63
C ASP B 128 35.21 11.85 -3.05
N CYS B 129 33.99 11.30 -3.07
CA CYS B 129 33.76 9.97 -2.55
C CYS B 129 34.41 8.91 -3.44
N PHE B 130 34.34 9.11 -4.76
CA PHE B 130 34.92 8.18 -5.69
C PHE B 130 36.43 8.17 -5.59
N ASN B 131 37.04 9.34 -5.51
CA ASN B 131 38.50 9.44 -5.34
C ASN B 131 39.00 8.86 -4.04
N ALA B 132 38.18 8.93 -2.99
CA ALA B 132 38.52 8.27 -1.72
C ALA B 132 38.59 6.75 -1.90
N ILE B 133 37.67 6.19 -2.71
CA ILE B 133 37.66 4.77 -2.97
C ILE B 133 38.91 4.39 -3.75
N VAL B 134 39.26 5.19 -4.75
CA VAL B 134 40.45 4.96 -5.56
C VAL B 134 41.71 5.02 -4.70
N TRP B 135 41.78 6.00 -3.80
CA TRP B 135 42.90 6.11 -2.86
C TRP B 135 43.03 4.83 -2.01
N ALA B 136 41.90 4.36 -1.47
CA ALA B 136 41.91 3.19 -0.60
C ALA B 136 42.39 1.93 -1.35
N ARG B 137 41.99 1.79 -2.61
CA ARG B 137 42.42 0.71 -3.44
C ARG B 137 43.95 0.79 -3.69
N ASP B 138 44.42 1.98 -4.04
CA ASP B 138 45.84 2.19 -4.32
C ASP B 138 46.71 1.93 -3.06
N ASN B 139 46.18 2.25 -1.88
CA ASN B 139 46.88 2.05 -0.61
C ASN B 139 46.42 0.80 0.15
N ALA B 140 45.93 -0.20 -0.58
CA ALA B 140 45.36 -1.40 0.03
C ALA B 140 46.37 -2.17 0.89
N GLY B 141 47.61 -2.28 0.40
CA GLY B 141 48.67 -2.88 1.16
C GLY B 141 49.02 -2.16 2.46
N GLU B 142 49.13 -0.83 2.38
CA GLU B 142 49.37 0.02 3.56
C GLU B 142 48.25 -0.17 4.60
N LEU B 143 47.01 -0.30 4.14
CA LEU B 143 45.85 -0.46 5.03
C LEU B 143 45.60 -1.90 5.47
N GLY B 144 46.29 -2.84 4.84
CA GLY B 144 46.12 -4.26 5.17
C GLY B 144 44.78 -4.79 4.71
N ILE B 145 44.33 -4.35 3.55
CA ILE B 145 43.03 -4.79 3.02
C ILE B 145 43.18 -5.38 1.63
N ASP B 146 42.24 -6.22 1.25
CA ASP B 146 42.23 -6.87 -0.04
C ASP B 146 41.52 -5.95 -1.01
N LYS B 147 42.09 -5.79 -2.20
CA LYS B 147 41.50 -4.90 -3.20
C LYS B 147 40.14 -5.40 -3.69
N ASP B 148 39.95 -6.73 -3.64
CA ASP B 148 38.69 -7.35 -4.07
C ASP B 148 37.62 -7.34 -2.97
N LYS B 149 37.91 -6.76 -1.80
CA LYS B 149 36.96 -6.75 -0.71
C LYS B 149 36.65 -5.34 -0.23
N ILE B 150 36.42 -4.41 -1.16
CA ILE B 150 36.04 -3.04 -0.82
C ILE B 150 34.53 -2.84 -1.00
N ALA B 151 33.85 -2.49 0.10
CA ALA B 151 32.44 -2.18 0.03
C ALA B 151 32.17 -0.68 0.32
N THR B 152 31.03 -0.18 -0.14
CA THR B 152 30.59 1.19 0.21
C THR B 152 29.29 1.16 1.02
N PHE B 153 29.15 2.16 1.88
CA PHE B 153 28.05 2.26 2.78
C PHE B 153 27.69 3.72 2.96
N GLY B 154 26.40 4.00 3.03
CA GLY B 154 25.95 5.36 3.15
C GLY B 154 24.51 5.50 3.51
N ILE B 155 24.20 6.57 4.24
CA ILE B 155 22.83 6.83 4.74
C ILE B 155 22.27 8.08 4.11
N SER B 156 21.11 7.96 3.50
CA SER B 156 20.37 9.14 3.02
C SER B 156 21.06 9.83 1.80
N ALA B 157 21.63 11.04 1.96
CA ALA B 157 22.48 11.58 0.91
C ALA B 157 23.71 10.69 0.73
N GLY B 158 24.12 10.00 1.80
CA GLY B 158 25.21 9.02 1.74
C GLY B 158 24.82 7.84 0.86
N GLY B 159 23.57 7.45 0.96
CA GLY B 159 23.02 6.39 0.13
C GLY B 159 22.99 6.78 -1.33
N ASN B 160 22.71 8.07 -1.59
CA ASN B 160 22.76 8.62 -2.94
C ASN B 160 24.15 8.47 -3.53
N LEU B 161 25.14 8.78 -2.70
CA LEU B 161 26.54 8.78 -3.09
C LEU B 161 27.08 7.37 -3.29
N VAL B 162 26.57 6.40 -2.53
CA VAL B 162 26.86 5.02 -2.74
C VAL B 162 26.40 4.58 -4.12
N ALA B 163 25.16 4.90 -4.47
CA ALA B 163 24.62 4.47 -5.77
C ALA B 163 25.39 5.15 -6.91
N ALA B 164 25.68 6.46 -6.74
CA ALA B 164 26.35 7.26 -7.76
C ALA B 164 27.78 6.77 -8.00
N THR B 165 28.52 6.53 -6.93
CA THR B 165 29.89 6.09 -7.04
C THR B 165 29.97 4.65 -7.64
N SER B 166 28.93 3.85 -7.48
CA SER B 166 28.93 2.52 -8.08
C SER B 166 28.81 2.61 -9.64
N LEU B 167 28.11 3.63 -10.12
CA LEU B 167 28.06 3.92 -11.57
C LEU B 167 29.40 4.40 -12.13
N LEU B 168 30.09 5.25 -11.37
CA LEU B 168 31.43 5.67 -11.74
C LEU B 168 32.42 4.53 -11.67
N ALA B 169 32.23 3.66 -10.67
CA ALA B 169 33.10 2.52 -10.47
C ALA B 169 32.97 1.59 -11.66
N ARG B 170 31.74 1.41 -12.15
CA ARG B 170 31.48 0.62 -13.35
C ARG B 170 32.11 1.24 -14.60
N ASP B 171 31.89 2.55 -14.80
CA ASP B 171 32.51 3.29 -15.91
C ASP B 171 34.03 3.11 -15.96
N ASN B 172 34.68 3.19 -14.80
CA ASN B 172 36.14 3.13 -14.72
C ASN B 172 36.68 1.73 -14.41
N LYS B 173 35.84 0.70 -14.50
CA LYS B 173 36.24 -0.68 -14.24
C LYS B 173 36.88 -0.87 -12.85
N LEU B 174 36.38 -0.13 -11.86
CA LEU B 174 36.84 -0.29 -10.49
C LEU B 174 35.89 -1.27 -9.78
N LYS B 175 36.44 -2.33 -9.22
CA LYS B 175 35.65 -3.41 -8.64
C LYS B 175 35.31 -3.10 -7.18
N LEU B 176 34.04 -3.20 -6.86
CA LEU B 176 33.56 -3.14 -5.50
C LEU B 176 32.88 -4.46 -5.24
N THR B 177 33.07 -5.03 -4.06
CA THR B 177 32.43 -6.26 -3.69
C THR B 177 30.99 -6.06 -3.27
N ALA B 178 30.63 -4.88 -2.72
CA ALA B 178 29.26 -4.62 -2.29
C ALA B 178 28.95 -3.14 -2.13
N GLN B 179 27.64 -2.84 -2.08
CA GLN B 179 27.15 -1.51 -1.88
C GLN B 179 25.98 -1.56 -0.95
N VAL B 180 25.97 -0.62 0.00
CA VAL B 180 24.94 -0.62 1.02
C VAL B 180 24.34 0.78 1.17
N PRO B 181 23.42 1.13 0.28
CA PRO B 181 22.65 2.33 0.48
C PRO B 181 21.55 2.12 1.52
N VAL B 182 21.64 2.89 2.60
CA VAL B 182 20.60 2.95 3.61
C VAL B 182 19.73 4.18 3.39
N VAL B 183 18.43 3.97 3.34
CA VAL B 183 17.44 5.01 3.11
C VAL B 183 17.89 6.04 2.06
N PRO B 184 18.38 5.55 0.89
CA PRO B 184 18.93 6.44 -0.12
C PRO B 184 17.96 7.36 -0.82
N PHE B 185 18.50 8.48 -1.30
CA PHE B 185 17.83 9.34 -2.29
C PHE B 185 18.39 8.88 -3.65
N VAL B 186 17.52 8.49 -4.58
CA VAL B 186 17.92 8.02 -5.90
C VAL B 186 17.18 8.68 -7.06
N TYR B 187 16.18 9.50 -6.77
CA TYR B 187 15.35 10.07 -7.80
C TYR B 187 14.57 11.29 -7.30
N LEU B 188 14.22 12.17 -8.22
CA LEU B 188 13.21 13.20 -7.93
C LEU B 188 11.81 12.59 -8.03
N ASP B 189 11.41 11.94 -6.94
CA ASP B 189 10.15 11.26 -6.87
C ASP B 189 9.03 12.17 -6.41
N LEU B 190 8.07 12.44 -7.27
CA LEU B 190 6.87 13.19 -6.92
C LEU B 190 5.61 12.35 -6.93
N ALA B 191 5.69 11.11 -7.43
CA ALA B 191 4.49 10.33 -7.66
C ALA B 191 4.16 9.30 -6.58
N SER B 192 5.15 8.88 -5.80
CA SER B 192 4.95 7.70 -4.95
C SER B 192 4.09 8.00 -3.73
N LYS B 193 3.54 6.95 -3.14
CA LYS B 193 2.74 7.10 -1.94
C LYS B 193 3.55 7.57 -0.77
N SER B 194 4.74 7.01 -0.61
CA SER B 194 5.54 7.29 0.56
C SER B 194 5.90 8.77 0.57
N MET B 195 6.26 9.30 -0.60
CA MET B 195 6.66 10.67 -0.72
C MET B 195 5.49 11.63 -0.33
N ASN B 196 4.31 11.37 -0.89
CA ASN B 196 3.19 12.24 -0.69
C ASN B 196 2.59 12.11 0.72
N ARG B 197 2.69 10.93 1.33
CA ARG B 197 2.12 10.71 2.66
C ARG B 197 3.00 11.14 3.81
N TYR B 198 4.31 11.03 3.65
CA TYR B 198 5.23 11.18 4.76
C TYR B 198 6.29 12.26 4.56
N ARG B 199 6.11 13.15 3.59
CA ARG B 199 7.04 14.25 3.42
C ARG B 199 6.86 15.40 4.43
N LYS B 200 5.79 15.41 5.22
CA LYS B 200 5.69 16.38 6.34
C LYS B 200 5.28 15.73 7.67
N GLY B 201 6.02 16.03 8.72
CA GLY B 201 5.70 15.53 10.05
C GLY B 201 6.47 14.30 10.48
N TYR B 202 7.40 13.84 9.65
CA TYR B 202 8.20 12.66 9.98
C TYR B 202 9.69 12.94 9.88
N PHE B 203 10.10 14.04 10.49
CA PHE B 203 11.47 14.50 10.54
C PHE B 203 11.97 15.01 9.20
N LEU B 204 12.07 14.15 8.23
CA LEU B 204 12.53 14.52 6.91
C LEU B 204 11.48 15.30 6.15
N ASP B 205 11.48 16.62 6.31
CA ASP B 205 10.42 17.46 5.72
C ASP B 205 10.83 17.93 4.33
N ILE B 206 10.04 17.56 3.32
CA ILE B 206 10.38 17.79 1.94
C ILE B 206 9.31 18.61 1.24
N ASN B 207 9.71 19.67 0.55
CA ASN B 207 8.80 20.41 -0.30
C ASN B 207 8.83 19.94 -1.72
N LEU B 208 7.68 20.01 -2.38
CA LEU B 208 7.53 19.62 -3.75
C LEU B 208 7.27 20.85 -4.61
N PRO B 209 7.69 20.81 -5.88
CA PRO B 209 8.33 19.73 -6.61
C PRO B 209 9.83 19.53 -6.35
N VAL B 210 10.59 20.62 -6.16
CA VAL B 210 12.03 20.53 -5.92
C VAL B 210 12.36 21.08 -4.52
N ASP B 211 12.90 20.22 -3.67
CA ASP B 211 13.17 20.58 -2.29
C ASP B 211 14.39 21.50 -2.16
N TYR B 212 14.45 22.19 -1.03
CA TYR B 212 15.55 23.04 -0.66
C TYR B 212 16.92 22.42 -0.80
N GLY B 213 17.03 21.19 -0.35
CA GLY B 213 18.34 20.50 -0.35
C GLY B 213 18.83 20.23 -1.77
N VAL B 214 17.91 19.88 -2.65
CA VAL B 214 18.23 19.64 -4.04
C VAL B 214 18.66 20.94 -4.76
N LYS B 215 17.89 22.01 -4.55
CA LYS B 215 18.20 23.33 -5.12
C LYS B 215 19.59 23.81 -4.77
N MET B 216 20.05 23.53 -3.56
CA MET B 216 21.37 23.93 -3.11
C MET B 216 22.50 23.09 -3.70
N TYR B 217 22.23 21.81 -3.87
CA TYR B 217 23.24 20.87 -4.36
C TYR B 217 23.42 20.94 -5.88
N ILE B 218 22.32 21.14 -6.60
CA ILE B 218 22.31 21.10 -8.06
C ILE B 218 22.64 22.46 -8.73
N ARG B 219 23.26 22.42 -9.90
CA ARG B 219 23.71 23.63 -10.58
C ARG B 219 22.52 24.27 -11.30
N ASP B 220 21.81 23.46 -12.07
CA ASP B 220 20.56 23.86 -12.71
C ASP B 220 19.67 22.64 -12.95
N GLU B 221 18.49 22.88 -13.51
CA GLU B 221 17.48 21.85 -13.65
C GLU B 221 17.91 20.66 -14.51
N LYS B 222 18.92 20.87 -15.37
CA LYS B 222 19.43 19.82 -16.26
C LYS B 222 20.06 18.66 -15.51
N ASP B 223 20.56 18.95 -14.31
CA ASP B 223 21.12 17.94 -13.45
C ASP B 223 20.08 16.96 -12.88
N LEU B 224 18.81 17.35 -12.85
CA LEU B 224 17.74 16.47 -12.30
C LEU B 224 17.68 15.12 -12.98
N TYR B 225 17.96 15.07 -14.27
CA TYR B 225 17.96 13.79 -14.99
C TYR B 225 19.39 13.21 -15.20
N ASN B 226 20.37 13.79 -14.54
CA ASN B 226 21.72 13.23 -14.55
C ASN B 226 21.77 11.99 -13.69
N PRO B 227 22.29 10.87 -14.24
CA PRO B 227 22.31 9.60 -13.45
C PRO B 227 23.18 9.66 -12.20
N LEU B 228 24.22 10.50 -12.22
CA LEU B 228 25.04 10.72 -11.00
C LEU B 228 24.30 11.44 -9.87
N PHE B 229 23.25 12.15 -10.20
CA PHE B 229 22.39 12.75 -9.21
C PHE B 229 21.20 11.85 -8.93
N SER B 230 20.53 11.38 -10.00
CA SER B 230 19.40 10.43 -9.89
C SER B 230 19.71 9.10 -10.53
N PRO B 231 20.36 8.20 -9.79
CA PRO B 231 20.73 6.91 -10.37
C PRO B 231 19.58 6.03 -10.86
N LEU B 232 18.37 6.31 -10.38
CA LEU B 232 17.18 5.54 -10.78
C LEU B 232 16.83 5.81 -12.23
N ILE B 233 17.24 6.95 -12.76
CA ILE B 233 17.01 7.29 -14.17
C ILE B 233 18.07 6.69 -15.11
N ALA B 234 19.06 5.98 -14.58
CA ALA B 234 20.09 5.35 -15.42
C ALA B 234 19.46 4.35 -16.37
N GLU B 235 19.87 4.40 -17.62
CA GLU B 235 19.41 3.45 -18.64
C GLU B 235 19.82 2.02 -18.19
N ASP B 236 21.02 1.85 -17.69
CA ASP B 236 21.54 0.56 -17.32
C ASP B 236 21.96 0.47 -15.85
N LEU B 237 21.35 -0.44 -15.10
CA LEU B 237 21.75 -0.73 -13.76
C LEU B 237 22.31 -2.14 -13.54
N SER B 238 22.81 -2.78 -14.59
CA SER B 238 23.47 -4.08 -14.48
C SER B 238 24.96 -3.94 -14.24
N ASN B 239 25.61 -5.06 -13.90
CA ASN B 239 27.05 -5.09 -13.56
C ASN B 239 27.45 -4.09 -12.48
N LEU B 240 26.57 -3.92 -11.52
CA LEU B 240 26.87 -3.13 -10.35
C LEU B 240 27.09 -4.12 -9.22
N PRO B 241 27.75 -3.69 -8.15
CA PRO B 241 28.05 -4.61 -7.07
C PRO B 241 26.82 -5.13 -6.33
N GLN B 242 26.96 -6.28 -5.74
CA GLN B 242 25.97 -6.88 -4.87
C GLN B 242 25.46 -5.86 -3.86
N ALA B 243 24.14 -5.75 -3.72
CA ALA B 243 23.55 -4.67 -2.96
C ALA B 243 22.79 -5.10 -1.71
N ILE B 244 22.88 -4.27 -0.68
CA ILE B 244 21.97 -4.37 0.45
C ILE B 244 21.27 -3.01 0.61
N VAL B 245 20.02 -2.94 0.15
CA VAL B 245 19.25 -1.73 0.27
C VAL B 245 18.30 -1.80 1.45
N VAL B 246 18.32 -0.75 2.29
CA VAL B 246 17.52 -0.68 3.51
C VAL B 246 16.65 0.57 3.46
N THR B 247 15.36 0.41 3.77
CA THR B 247 14.42 1.48 3.77
C THR B 247 13.65 1.52 5.10
N ALA B 248 12.94 2.61 5.34
CA ALA B 248 12.06 2.73 6.50
C ALA B 248 10.63 2.97 6.08
N GLU B 249 9.68 2.40 6.84
CA GLU B 249 8.28 2.39 6.45
C GLU B 249 7.66 3.80 6.32
N TYR B 250 8.00 4.68 7.25
CA TYR B 250 7.36 6.03 7.26
C TYR B 250 8.38 7.07 6.84
N ASP B 251 9.01 6.80 5.70
CA ASP B 251 10.08 7.62 5.16
C ASP B 251 9.61 8.05 3.80
N PRO B 252 9.65 9.36 3.50
CA PRO B 252 9.20 9.78 2.18
C PRO B 252 10.05 9.16 1.06
N LEU B 253 11.31 8.86 1.33
CA LEU B 253 12.19 8.21 0.34
C LEU B 253 12.02 6.69 0.22
N ARG B 254 11.09 6.11 0.98
CA ARG B 254 10.93 4.67 1.03
C ARG B 254 10.72 4.01 -0.32
N ASP B 255 9.76 4.52 -1.09
CA ASP B 255 9.41 3.89 -2.35
C ASP B 255 10.53 3.94 -3.40
N GLN B 256 11.28 5.04 -3.46
CA GLN B 256 12.34 5.16 -4.45
C GLN B 256 13.50 4.22 -4.17
N GLY B 257 13.79 4.02 -2.91
CA GLY B 257 14.80 3.09 -2.47
C GLY B 257 14.41 1.65 -2.82
N GLU B 258 13.16 1.26 -2.56
CA GLU B 258 12.67 -0.05 -2.93
C GLU B 258 12.64 -0.23 -4.45
N ALA B 259 12.35 0.82 -5.17
CA ALA B 259 12.38 0.79 -6.60
C ALA B 259 13.80 0.58 -7.15
N TYR B 260 14.78 1.23 -6.54
CA TYR B 260 16.17 1.07 -6.92
C TYR B 260 16.62 -0.42 -6.75
N ALA B 261 16.24 -0.98 -5.60
CA ALA B 261 16.50 -2.35 -5.29
C ALA B 261 15.85 -3.31 -6.29
N TYR B 262 14.62 -3.05 -6.69
CA TYR B 262 13.98 -3.91 -7.69
C TYR B 262 14.68 -3.82 -9.05
N ARG B 263 15.06 -2.61 -9.44
CA ARG B 263 15.73 -2.39 -10.72
C ARG B 263 17.03 -3.13 -10.76
N LEU B 264 17.74 -3.18 -9.63
CA LEU B 264 18.96 -3.96 -9.53
C LEU B 264 18.66 -5.48 -9.72
N MET B 265 17.63 -6.00 -9.06
CA MET B 265 17.23 -7.39 -9.23
C MET B 265 16.90 -7.73 -10.68
N GLU B 266 16.14 -6.87 -11.34
CA GLU B 266 15.84 -7.08 -12.75
C GLU B 266 17.07 -7.08 -13.64
N SER B 267 18.09 -6.33 -13.26
CA SER B 267 19.29 -6.18 -14.05
C SER B 267 20.29 -7.29 -13.77
N GLY B 268 19.89 -8.31 -12.99
CA GLY B 268 20.79 -9.40 -12.63
C GLY B 268 21.74 -9.19 -11.47
N VAL B 269 21.58 -8.12 -10.71
CA VAL B 269 22.48 -7.86 -9.57
C VAL B 269 21.92 -8.57 -8.34
N PRO B 270 22.73 -9.41 -7.65
CA PRO B 270 22.21 -10.05 -6.44
C PRO B 270 21.99 -8.99 -5.37
N THR B 271 20.76 -8.92 -4.85
CA THR B 271 20.43 -7.90 -3.87
C THR B 271 19.52 -8.42 -2.78
N LEU B 272 19.79 -7.95 -1.59
CA LEU B 272 18.88 -8.06 -0.47
C LEU B 272 18.30 -6.65 -0.20
N SER B 273 17.00 -6.60 0.00
CA SER B 273 16.29 -5.36 0.18
C SER B 273 15.29 -5.60 1.29
N PHE B 274 15.44 -4.85 2.38
CA PHE B 274 14.45 -4.93 3.43
C PHE B 274 13.99 -3.56 3.95
N ARG B 275 12.77 -3.54 4.47
CA ARG B 275 12.13 -2.35 4.97
C ARG B 275 11.94 -2.47 6.48
N VAL B 276 12.47 -1.50 7.21
CA VAL B 276 12.33 -1.50 8.66
C VAL B 276 11.00 -0.84 9.03
N ASN B 277 10.08 -1.61 9.60
CA ASN B 277 8.77 -1.12 9.92
C ASN B 277 8.69 -0.26 11.22
N GLY B 278 7.66 0.58 11.29
CA GLY B 278 7.44 1.46 12.44
C GLY B 278 8.48 2.52 12.69
N ASN B 279 9.23 2.86 11.65
CA ASN B 279 10.34 3.78 11.79
C ASN B 279 10.33 4.85 10.75
N VAL B 280 10.96 5.97 11.08
CA VAL B 280 11.03 7.10 10.16
C VAL B 280 12.41 7.11 9.51
N HIS B 281 12.68 8.12 8.68
CA HIS B 281 13.94 8.21 7.95
C HIS B 281 15.16 8.11 8.85
N ALA B 282 16.09 7.24 8.47
CA ALA B 282 17.36 7.03 9.21
C ALA B 282 17.20 6.44 10.59
N PHE B 283 16.03 5.91 10.89
CA PHE B 283 15.73 5.36 12.23
C PHE B 283 15.96 6.30 13.41
N LEU B 284 15.76 7.59 13.17
CA LEU B 284 15.82 8.59 14.22
C LEU B 284 14.71 8.44 15.25
N GLY B 285 15.09 8.69 16.51
CA GLY B 285 14.22 8.45 17.66
C GLY B 285 14.21 7.05 18.21
N SER B 286 15.00 6.17 17.58
CA SER B 286 15.14 4.79 18.02
C SER B 286 16.57 4.34 17.88
N PRO B 287 17.43 4.70 18.83
CA PRO B 287 18.80 4.32 18.74
C PRO B 287 19.00 2.79 18.80
N ARG B 288 18.08 2.07 19.46
CA ARG B 288 18.13 0.64 19.54
C ARG B 288 17.97 0.07 18.13
N THR B 289 16.99 0.58 17.36
CA THR B 289 16.76 0.08 16.01
C THR B 289 17.92 0.41 15.11
N SER B 290 18.44 1.61 15.24
CA SER B 290 19.55 2.08 14.40
C SER B 290 20.77 1.16 14.61
N ARG B 291 20.98 0.76 15.85
CA ARG B 291 22.06 -0.11 16.20
C ARG B 291 21.85 -1.52 15.61
N GLN B 292 20.66 -2.08 15.80
CA GLN B 292 20.33 -3.39 15.28
C GLN B 292 20.45 -3.49 13.76
N VAL B 293 20.03 -2.45 13.06
CA VAL B 293 20.17 -2.41 11.59
C VAL B 293 21.64 -2.46 11.18
N THR B 294 22.46 -1.71 11.89
CA THR B 294 23.87 -1.61 11.56
C THR B 294 24.60 -2.93 11.86
N VAL B 295 24.16 -3.61 12.92
CA VAL B 295 24.67 -4.90 13.28
C VAL B 295 24.32 -5.94 12.22
N MET B 296 23.08 -5.90 11.74
CA MET B 296 22.64 -6.81 10.69
C MET B 296 23.44 -6.59 9.41
N ILE B 297 23.61 -5.33 9.03
CA ILE B 297 24.39 -4.99 7.87
C ILE B 297 25.83 -5.52 7.97
N GLY B 298 26.42 -5.35 9.14
CA GLY B 298 27.77 -5.79 9.36
C GLY B 298 27.91 -7.31 9.27
N ALA B 299 26.91 -8.02 9.79
CA ALA B 299 26.90 -9.47 9.75
C ALA B 299 26.86 -9.98 8.31
N LEU B 300 26.13 -9.26 7.45
CA LEU B 300 26.03 -9.62 6.05
C LEU B 300 27.31 -9.33 5.31
N LEU B 301 27.91 -8.17 5.57
CA LEU B 301 29.19 -7.85 4.93
C LEU B 301 30.30 -8.83 5.38
N LYS B 302 30.31 -9.15 6.65
CA LYS B 302 31.28 -10.10 7.23
C LYS B 302 31.18 -11.43 6.53
N ASP B 303 29.95 -11.82 6.25
CA ASP B 303 29.67 -13.06 5.56
C ASP B 303 30.16 -13.00 4.11
N ILE B 304 30.07 -11.83 3.48
CA ILE B 304 30.63 -11.61 2.14
C ILE B 304 32.16 -11.59 2.17
N PHE B 305 32.75 -11.00 3.20
CA PHE B 305 34.19 -10.88 3.34
C PHE B 305 34.78 -12.23 3.84
N MET C 1 -2.79 -9.58 -10.06
CA MET C 1 -3.63 -10.83 -10.20
C MET C 1 -5.13 -10.78 -9.78
N PRO C 2 -5.47 -10.16 -8.63
CA PRO C 2 -6.87 -10.18 -8.20
C PRO C 2 -7.74 -9.15 -8.93
N LEU C 3 -7.98 -9.45 -10.20
CA LEU C 3 -8.69 -8.58 -11.11
C LEU C 3 -10.12 -9.06 -11.28
N ASP C 4 -10.92 -8.22 -11.93
CA ASP C 4 -12.23 -8.61 -12.40
C ASP C 4 -12.06 -9.77 -13.41
N PRO C 5 -12.88 -10.84 -13.27
CA PRO C 5 -12.67 -12.06 -14.11
C PRO C 5 -12.74 -11.79 -15.60
N GLU C 6 -13.62 -10.87 -16.00
CA GLU C 6 -13.70 -10.47 -17.39
C GLU C 6 -12.39 -9.81 -17.87
N VAL C 7 -11.76 -9.01 -16.99
CA VAL C 7 -10.52 -8.33 -17.34
C VAL C 7 -9.38 -9.34 -17.43
N ARG C 8 -9.36 -10.28 -16.49
CA ARG C 8 -8.35 -11.33 -16.45
C ARG C 8 -8.37 -12.14 -17.74
N ASN C 9 -9.57 -12.52 -18.18
CA ASN C 9 -9.73 -13.25 -19.42
C ASN C 9 -9.27 -12.44 -20.63
N PHE C 10 -9.59 -11.17 -20.66
CA PHE C 10 -9.15 -10.28 -21.73
C PHE C 10 -7.63 -10.22 -21.83
N LEU C 11 -6.94 -10.14 -20.71
CA LEU C 11 -5.46 -10.12 -20.70
C LEU C 11 -4.84 -11.42 -21.25
N GLN C 12 -5.43 -12.56 -20.91
CA GLN C 12 -4.99 -13.86 -21.45
C GLN C 12 -5.08 -13.86 -22.96
N VAL C 13 -6.21 -13.38 -23.46
CA VAL C 13 -6.43 -13.31 -24.91
C VAL C 13 -5.54 -12.25 -25.55
N TYR C 14 -5.36 -11.13 -24.89
CA TYR C 14 -4.62 -10.00 -25.46
C TYR C 14 -3.15 -10.35 -25.75
N TYR C 15 -2.50 -10.98 -24.79
CA TYR C 15 -1.10 -11.34 -24.93
C TYR C 15 -0.87 -12.54 -25.88
N LYS C 16 -1.81 -13.48 -25.90
CA LYS C 16 -1.79 -14.57 -26.92
C LYS C 16 -1.97 -14.06 -28.36
N ALA C 17 -2.74 -12.99 -28.51
CA ALA C 17 -3.02 -12.37 -29.83
C ALA C 17 -1.79 -11.75 -30.48
N ASN C 18 -0.90 -11.17 -29.67
CA ASN C 18 0.35 -10.60 -30.16
C ASN C 18 0.08 -9.44 -31.15
N ILE C 19 -0.64 -8.40 -30.67
CA ILE C 19 -0.93 -7.19 -31.45
C ILE C 19 0.33 -6.36 -31.64
N TYR C 25 5.63 -4.89 -39.23
CA TYR C 25 4.87 -3.67 -39.05
C TYR C 25 5.73 -2.42 -38.88
N GLN C 26 5.58 -1.43 -39.77
CA GLN C 26 6.12 -0.07 -39.54
C GLN C 26 5.13 0.72 -38.65
N PHE C 27 5.57 1.88 -38.16
CA PHE C 27 4.81 2.55 -37.09
C PHE C 27 3.42 3.02 -37.53
N GLN C 28 3.40 3.60 -38.70
CA GLN C 28 2.21 4.17 -39.26
C GLN C 28 1.14 3.07 -39.43
N GLU C 29 1.55 1.82 -39.70
CA GLU C 29 0.59 0.72 -39.81
C GLU C 29 0.13 0.16 -38.47
N ILE C 30 1.02 0.20 -37.49
CA ILE C 30 0.67 -0.17 -36.10
C ILE C 30 -0.40 0.79 -35.58
N ARG C 31 -0.25 2.08 -35.89
CA ARG C 31 -1.28 3.05 -35.56
C ARG C 31 -2.66 2.62 -36.05
N GLN C 32 -2.76 2.33 -37.34
CA GLN C 32 -4.05 1.94 -37.94
C GLN C 32 -4.60 0.64 -37.30
N LYS C 33 -3.74 -0.37 -37.08
CA LYS C 33 -4.19 -1.62 -36.47
C LYS C 33 -4.79 -1.47 -35.08
N VAL C 34 -4.10 -0.70 -34.24
CA VAL C 34 -4.60 -0.38 -32.90
C VAL C 34 -5.87 0.49 -32.96
N ASN C 35 -5.92 1.45 -33.87
CA ASN C 35 -7.11 2.36 -33.94
C ASN C 35 -8.38 1.61 -34.24
N GLU C 36 -8.26 0.61 -35.11
CA GLU C 36 -9.41 -0.27 -35.45
C GLU C 36 -9.85 -1.13 -34.28
N LEU C 37 -8.89 -1.60 -33.51
CA LEU C 37 -9.23 -2.38 -32.32
C LEU C 37 -9.87 -1.51 -31.24
N LEU C 38 -9.43 -0.25 -31.08
CA LEU C 38 -9.97 0.64 -30.04
C LEU C 38 -11.38 1.11 -30.38
N ALA C 39 -11.61 1.33 -31.66
CA ALA C 39 -12.91 1.83 -32.13
C ALA C 39 -14.04 0.81 -31.96
N LYS C 40 -13.75 -0.49 -32.01
CA LYS C 40 -14.80 -1.51 -31.83
C LYS C 40 -15.00 -1.94 -30.35
N ALA C 41 -14.24 -1.36 -29.44
CA ALA C 41 -14.21 -1.79 -28.03
C ALA C 41 -15.52 -1.56 -27.24
N VAL C 42 -16.11 -0.38 -27.35
CA VAL C 42 -17.39 -0.10 -26.66
C VAL C 42 -18.45 0.06 -27.74
N PRO C 43 -19.65 -0.55 -27.55
CA PRO C 43 -20.75 -0.30 -28.51
C PRO C 43 -21.31 1.15 -28.43
N LYS C 44 -21.77 1.69 -29.57
CA LYS C 44 -22.19 3.10 -29.67
C LYS C 44 -23.65 3.36 -29.28
N ASP C 45 -23.88 4.18 -28.26
CA ASP C 45 -25.24 4.60 -27.95
C ASP C 45 -25.70 5.68 -28.91
N PRO C 46 -26.99 5.70 -29.21
CA PRO C 46 -27.51 6.75 -30.06
C PRO C 46 -27.55 8.12 -29.36
N VAL C 47 -27.32 9.17 -30.14
CA VAL C 47 -27.37 10.55 -29.63
C VAL C 47 -28.34 11.40 -30.46
N GLY C 48 -28.46 12.67 -30.09
CA GLY C 48 -29.36 13.59 -30.78
C GLY C 48 -28.89 13.97 -32.15
N GLU C 49 -27.63 14.34 -32.28
CA GLU C 49 -27.06 14.63 -33.60
C GLU C 49 -25.53 14.63 -33.52
N THR C 50 -24.90 14.66 -34.67
CA THR C 50 -23.47 14.52 -34.81
C THR C 50 -23.09 15.43 -35.97
N ARG C 51 -22.10 16.28 -35.77
CA ARG C 51 -21.68 17.21 -36.80
C ARG C 51 -20.16 17.26 -36.86
N ASP C 52 -19.60 17.02 -38.03
CA ASP C 52 -18.16 17.11 -38.25
C ASP C 52 -17.81 18.47 -38.83
N MET C 53 -16.74 19.08 -38.35
CA MET C 53 -16.28 20.34 -38.93
C MET C 53 -14.81 20.54 -38.59
N LYS C 54 -14.25 21.66 -39.02
CA LYS C 54 -12.85 21.91 -38.83
C LYS C 54 -12.63 23.32 -38.26
N ILE C 55 -11.78 23.44 -37.26
CA ILE C 55 -11.36 24.71 -36.74
C ILE C 55 -10.17 25.17 -37.54
N LYS C 56 -10.20 26.43 -38.01
CA LYS C 56 -9.09 27.02 -38.75
C LYS C 56 -8.03 27.60 -37.84
N LEU C 57 -6.88 26.94 -37.70
CA LEU C 57 -5.73 27.44 -36.99
C LEU C 57 -4.72 27.97 -38.00
N GLU C 58 -3.65 28.61 -37.53
CA GLU C 58 -2.75 29.38 -38.42
C GLU C 58 -2.05 28.48 -39.45
N ASP C 59 -1.73 27.25 -39.07
CA ASP C 59 -1.00 26.31 -39.92
C ASP C 59 -1.77 25.04 -40.21
N TYR C 60 -3.01 24.93 -39.72
CA TYR C 60 -3.73 23.67 -39.78
C TYR C 60 -5.23 23.86 -39.62
N GLU C 61 -6.00 22.95 -40.23
CA GLU C 61 -7.42 22.86 -40.03
C GLU C 61 -7.73 21.64 -39.14
N LEU C 62 -8.10 21.93 -37.91
CA LEU C 62 -8.22 20.93 -36.86
C LEU C 62 -9.59 20.32 -36.84
N PRO C 63 -9.70 19.02 -37.17
CA PRO C 63 -11.04 18.39 -37.21
C PRO C 63 -11.66 18.21 -35.81
N ILE C 64 -12.96 18.44 -35.72
CA ILE C 64 -13.70 18.19 -34.51
C ILE C 64 -15.00 17.51 -34.84
N ARG C 65 -15.62 16.88 -33.84
CA ARG C 65 -16.96 16.35 -33.99
C ARG C 65 -17.78 16.87 -32.83
N ILE C 66 -18.93 17.46 -33.15
CA ILE C 66 -19.82 18.00 -32.12
C ILE C 66 -20.97 17.03 -31.89
N TYR C 67 -21.11 16.55 -30.66
CA TYR C 67 -22.18 15.66 -30.32
C TYR C 67 -23.26 16.38 -29.53
N SER C 68 -24.50 16.21 -29.97
CA SER C 68 -25.65 16.70 -29.23
C SER C 68 -26.35 15.52 -28.57
N PRO C 69 -26.71 15.66 -27.28
CA PRO C 69 -27.32 14.55 -26.55
C PRO C 69 -28.72 14.24 -27.03
N ILE C 70 -29.24 13.06 -26.68
CA ILE C 70 -30.64 12.71 -26.97
C ILE C 70 -31.55 13.72 -26.28
N LYS C 71 -31.24 14.02 -25.02
CA LYS C 71 -31.94 15.04 -24.27
C LYS C 71 -30.95 16.08 -23.73
N ARG C 72 -31.13 17.32 -24.15
CA ARG C 72 -30.29 18.42 -23.73
C ARG C 72 -30.98 19.24 -22.64
N THR C 73 -30.42 19.24 -21.44
CA THR C 73 -31.02 19.92 -20.29
C THR C 73 -30.17 21.03 -19.68
N ASN C 74 -28.99 21.27 -20.21
CA ASN C 74 -28.18 22.42 -19.77
C ASN C 74 -27.29 22.95 -20.89
N ASN C 75 -26.65 24.09 -20.64
CA ASN C 75 -25.84 24.81 -21.65
C ASN C 75 -24.36 24.64 -21.38
N GLY C 76 -24.00 23.50 -20.79
CA GLY C 76 -22.61 23.20 -20.53
C GLY C 76 -21.97 22.66 -21.79
N LEU C 77 -20.65 22.62 -21.74
CA LEU C 77 -19.85 22.10 -22.79
C LEU C 77 -18.75 21.26 -22.19
N VAL C 78 -18.52 20.09 -22.80
CA VAL C 78 -17.37 19.22 -22.42
C VAL C 78 -16.44 19.01 -23.60
N MET C 79 -15.20 19.46 -23.49
CA MET C 79 -14.18 19.21 -24.53
C MET C 79 -13.53 17.84 -24.27
N HIS C 80 -13.59 16.96 -25.25
CA HIS C 80 -13.05 15.60 -25.12
C HIS C 80 -11.75 15.41 -25.93
N PHE C 81 -10.65 15.10 -25.27
CA PHE C 81 -9.37 14.82 -25.92
C PHE C 81 -9.08 13.34 -25.78
N HIS C 82 -8.96 12.66 -26.91
CA HIS C 82 -8.79 11.18 -26.89
C HIS C 82 -7.41 10.79 -26.39
N GLY C 83 -7.27 9.54 -25.98
CA GLY C 83 -5.98 8.99 -25.57
C GLY C 83 -5.30 8.26 -26.70
N GLY C 84 -4.29 7.44 -26.37
CA GLY C 84 -3.49 6.76 -27.41
C GLY C 84 -2.00 7.16 -27.34
N ALA C 85 -1.50 7.53 -26.16
CA ALA C 85 -0.07 7.72 -25.98
C ALA C 85 0.57 8.80 -26.88
N TRP C 86 -0.19 9.85 -27.19
CA TRP C 86 0.24 10.93 -28.09
C TRP C 86 0.59 10.52 -29.50
N ILE C 87 0.45 9.23 -29.82
CA ILE C 87 0.91 8.69 -31.12
C ILE C 87 -0.17 8.00 -31.93
N LEU C 88 -1.29 7.66 -31.29
CA LEU C 88 -2.41 7.11 -32.06
C LEU C 88 -3.73 7.49 -31.42
N GLY C 89 -4.84 6.99 -31.95
CA GLY C 89 -6.15 7.33 -31.48
C GLY C 89 -6.74 8.47 -32.29
N SER C 90 -8.04 8.67 -32.17
CA SER C 90 -8.76 9.67 -32.92
C SER C 90 -10.15 9.89 -32.32
N ILE C 91 -10.91 10.80 -32.95
CA ILE C 91 -12.31 10.99 -32.65
C ILE C 91 -13.05 9.65 -32.74
N GLU C 92 -12.71 8.87 -33.77
CA GLU C 92 -13.39 7.59 -34.03
C GLU C 92 -13.13 6.53 -32.96
N THR C 93 -11.92 6.52 -32.43
CA THR C 93 -11.55 5.52 -31.45
C THR C 93 -12.27 5.70 -30.12
N GLU C 94 -12.59 6.96 -29.79
CA GLU C 94 -13.30 7.28 -28.55
C GLU C 94 -14.69 7.86 -28.79
N ASP C 95 -15.21 7.63 -29.98
CA ASP C 95 -16.55 8.04 -30.33
C ASP C 95 -17.63 7.52 -29.38
N ALA C 96 -17.55 6.23 -29.03
CA ALA C 96 -18.53 5.59 -28.12
C ALA C 96 -18.51 6.21 -26.71
N ILE C 97 -17.33 6.60 -26.25
CA ILE C 97 -17.22 7.31 -24.97
C ILE C 97 -17.88 8.71 -25.04
N SER C 98 -17.65 9.45 -26.14
CA SER C 98 -18.22 10.78 -26.34
C SER C 98 -19.72 10.75 -26.32
N ARG C 99 -20.28 9.71 -26.94
CA ARG C 99 -21.74 9.53 -26.98
C ARG C 99 -22.34 9.27 -25.60
N ILE C 100 -21.77 8.35 -24.83
CA ILE C 100 -22.24 8.06 -23.49
C ILE C 100 -22.08 9.30 -22.60
N LEU C 101 -20.98 10.02 -22.79
CA LEU C 101 -20.65 11.16 -21.96
C LEU C 101 -21.67 12.30 -22.20
N SER C 102 -21.96 12.54 -23.47
CA SER C 102 -22.92 13.54 -23.88
C SER C 102 -24.32 13.26 -23.33
N ASN C 103 -24.78 12.02 -23.48
CA ASN C 103 -26.07 11.61 -22.93
C ASN C 103 -26.14 11.71 -21.40
N SER C 104 -25.06 11.39 -20.73
CA SER C 104 -25.02 11.41 -19.28
C SER C 104 -24.95 12.84 -18.74
N CYS C 105 -24.12 13.66 -19.37
CA CYS C 105 -24.00 15.08 -19.06
C CYS C 105 -25.27 15.84 -19.46
N GLU C 106 -25.99 15.31 -20.45
CA GLU C 106 -27.10 16.00 -21.08
C GLU C 106 -26.68 17.38 -21.60
N CYS C 107 -25.53 17.39 -22.25
CA CYS C 107 -24.98 18.61 -22.83
C CYS C 107 -24.09 18.30 -24.02
N THR C 108 -23.68 19.34 -24.72
CA THR C 108 -22.90 19.18 -25.93
C THR C 108 -21.46 18.76 -25.62
N VAL C 109 -20.93 17.84 -26.43
CA VAL C 109 -19.58 17.36 -26.29
C VAL C 109 -18.86 17.58 -27.59
N ILE C 110 -17.63 18.10 -27.50
CA ILE C 110 -16.80 18.32 -28.69
C ILE C 110 -15.52 17.54 -28.61
N SER C 111 -15.35 16.61 -29.55
CA SER C 111 -14.17 15.76 -29.56
C SER C 111 -13.13 16.34 -30.52
N VAL C 112 -11.86 16.34 -30.14
CA VAL C 112 -10.78 16.96 -30.93
C VAL C 112 -9.77 15.94 -31.51
N ASP C 113 -9.49 16.05 -32.79
CA ASP C 113 -8.43 15.29 -33.49
C ASP C 113 -7.12 16.06 -33.51
N TYR C 114 -6.47 16.16 -32.37
CA TYR C 114 -5.19 16.87 -32.28
C TYR C 114 -4.11 16.12 -33.03
N ARG C 115 -3.08 16.86 -33.43
CA ARG C 115 -1.96 16.28 -34.17
C ARG C 115 -1.11 15.41 -33.27
N LEU C 116 -0.66 14.30 -33.85
CA LEU C 116 0.05 13.26 -33.16
C LEU C 116 1.53 13.21 -33.50
N ALA C 117 2.29 12.73 -32.53
CA ALA C 117 3.67 12.30 -32.76
C ALA C 117 3.70 10.95 -33.51
N PRO C 118 4.83 10.63 -34.16
CA PRO C 118 6.09 11.38 -34.22
C PRO C 118 6.11 12.45 -35.28
N GLU C 119 5.05 12.56 -36.05
CA GLU C 119 4.98 13.59 -37.07
C GLU C 119 5.05 14.98 -36.45
N TYR C 120 4.26 15.20 -35.40
CA TYR C 120 4.28 16.45 -34.68
C TYR C 120 4.62 16.18 -33.25
N LYS C 121 5.74 16.71 -32.82
CA LYS C 121 6.21 16.46 -31.47
C LYS C 121 5.58 17.42 -30.49
N PHE C 122 5.78 17.12 -29.20
CA PHE C 122 5.49 18.04 -28.15
C PHE C 122 6.10 19.43 -28.51
N PRO C 123 5.36 20.53 -28.28
CA PRO C 123 4.08 20.66 -27.60
C PRO C 123 2.83 20.79 -28.47
N THR C 124 2.89 20.24 -29.68
CA THR C 124 1.84 20.47 -30.66
C THR C 124 0.48 20.05 -30.14
N ALA C 125 0.36 18.82 -29.67
CA ALA C 125 -0.92 18.29 -29.22
C ALA C 125 -1.56 19.16 -28.17
N VAL C 126 -0.75 19.70 -27.26
CA VAL C 126 -1.22 20.51 -26.16
C VAL C 126 -1.83 21.82 -26.69
N TYR C 127 -1.15 22.44 -27.63
CA TYR C 127 -1.63 23.64 -28.25
C TYR C 127 -2.82 23.46 -29.20
N ASP C 128 -2.89 22.32 -29.87
CA ASP C 128 -4.07 21.98 -30.67
C ASP C 128 -5.32 21.89 -29.77
N CYS C 129 -5.19 21.23 -28.62
CA CYS C 129 -6.31 21.07 -27.69
C CYS C 129 -6.66 22.42 -27.05
N PHE C 130 -5.67 23.25 -26.74
CA PHE C 130 -5.91 24.51 -26.06
C PHE C 130 -6.62 25.44 -27.03
N ASN C 131 -6.15 25.51 -28.27
CA ASN C 131 -6.80 26.34 -29.28
C ASN C 131 -8.22 25.91 -29.61
N ALA C 132 -8.51 24.63 -29.48
CA ALA C 132 -9.87 24.11 -29.61
C ALA C 132 -10.78 24.65 -28.48
N ILE C 133 -10.24 24.75 -27.28
CA ILE C 133 -10.97 25.32 -26.14
C ILE C 133 -11.26 26.80 -26.36
N VAL C 134 -10.25 27.53 -26.81
CA VAL C 134 -10.37 28.94 -27.14
C VAL C 134 -11.42 29.17 -28.21
N TRP C 135 -11.42 28.33 -29.23
CA TRP C 135 -12.43 28.38 -30.28
C TRP C 135 -13.85 28.22 -29.74
N ALA C 136 -14.04 27.22 -28.89
CA ALA C 136 -15.36 26.91 -28.35
C ALA C 136 -15.87 28.06 -27.47
N ARG C 137 -14.97 28.65 -26.70
CA ARG C 137 -15.31 29.75 -25.84
C ARG C 137 -15.67 30.99 -26.67
N ASP C 138 -14.86 31.29 -27.70
CA ASP C 138 -15.12 32.41 -28.59
C ASP C 138 -16.45 32.24 -29.36
N ASN C 139 -16.79 31.01 -29.75
CA ASN C 139 -18.00 30.73 -30.52
C ASN C 139 -19.13 30.12 -29.65
N ALA C 140 -19.14 30.48 -28.39
CA ALA C 140 -20.10 29.96 -27.42
C ALA C 140 -21.55 30.19 -27.82
N GLY C 141 -21.85 31.40 -28.29
CA GLY C 141 -23.20 31.77 -28.68
C GLY C 141 -23.72 30.97 -29.86
N GLU C 142 -22.90 30.78 -30.88
CA GLU C 142 -23.27 29.93 -32.04
C GLU C 142 -23.48 28.47 -31.59
N LEU C 143 -22.71 28.01 -30.60
CA LEU C 143 -22.87 26.65 -30.09
C LEU C 143 -24.00 26.50 -29.07
N GLY C 144 -24.52 27.64 -28.61
CA GLY C 144 -25.55 27.64 -27.56
C GLY C 144 -25.06 27.13 -26.20
N ILE C 145 -23.84 27.47 -25.84
CA ILE C 145 -23.28 27.08 -24.55
C ILE C 145 -22.86 28.31 -23.77
N ASP C 146 -22.79 28.15 -22.46
CA ASP C 146 -22.38 29.20 -21.56
C ASP C 146 -20.84 29.19 -21.48
N LYS C 147 -20.22 30.34 -21.67
CA LYS C 147 -18.75 30.50 -21.58
C LYS C 147 -18.19 30.08 -20.24
N ASP C 148 -18.99 30.21 -19.18
CA ASP C 148 -18.54 29.90 -17.82
C ASP C 148 -18.83 28.40 -17.43
N LYS C 149 -19.30 27.61 -18.41
CA LYS C 149 -19.61 26.21 -18.17
C LYS C 149 -18.89 25.26 -19.13
N ILE C 150 -17.60 25.51 -19.35
CA ILE C 150 -16.78 24.70 -20.21
C ILE C 150 -15.89 23.78 -19.38
N ALA C 151 -16.06 22.46 -19.61
CA ALA C 151 -15.20 21.48 -18.95
C ALA C 151 -14.34 20.72 -19.94
N THR C 152 -13.20 20.22 -19.45
CA THR C 152 -12.35 19.35 -20.26
C THR C 152 -12.33 17.88 -19.76
N PHE C 153 -12.13 16.96 -20.68
CA PHE C 153 -12.17 15.52 -20.36
C PHE C 153 -11.22 14.75 -21.21
N GLY C 154 -10.56 13.77 -20.64
CA GLY C 154 -9.57 13.00 -21.40
C GLY C 154 -9.10 11.80 -20.66
N ILE C 155 -8.79 10.76 -21.43
CA ILE C 155 -8.31 9.46 -20.88
C ILE C 155 -6.86 9.22 -21.28
N SER C 156 -6.04 8.92 -20.30
CA SER C 156 -4.63 8.47 -20.54
C SER C 156 -3.70 9.63 -21.10
N ALA C 157 -3.33 9.63 -22.35
CA ALA C 157 -2.65 10.77 -22.92
C ALA C 157 -3.64 11.96 -22.97
N GLY C 158 -4.95 11.65 -23.12
CA GLY C 158 -6.02 12.64 -23.07
C GLY C 158 -6.04 13.27 -21.68
N GLY C 159 -5.81 12.47 -20.65
CA GLY C 159 -5.74 12.96 -19.30
C GLY C 159 -4.55 13.90 -19.09
N ASN C 160 -3.43 13.57 -19.73
CA ASN C 160 -2.25 14.45 -19.73
C ASN C 160 -2.59 15.81 -20.29
N LEU C 161 -3.35 15.81 -21.38
CA LEU C 161 -3.68 17.00 -22.15
C LEU C 161 -4.69 17.86 -21.36
N VAL C 162 -5.56 17.22 -20.60
CA VAL C 162 -6.46 17.93 -19.73
C VAL C 162 -5.64 18.72 -18.70
N ALA C 163 -4.69 18.06 -18.06
CA ALA C 163 -3.88 18.71 -17.07
C ALA C 163 -3.05 19.86 -17.68
N ALA C 164 -2.49 19.61 -18.86
CA ALA C 164 -1.60 20.58 -19.54
C ALA C 164 -2.37 21.80 -19.99
N THR C 165 -3.52 21.57 -20.59
CA THR C 165 -4.37 22.67 -21.05
C THR C 165 -4.91 23.51 -19.90
N SER C 166 -5.09 22.94 -18.72
CA SER C 166 -5.50 23.68 -17.55
C SER C 166 -4.46 24.68 -17.10
N LEU C 167 -3.19 24.29 -17.22
CA LEU C 167 -2.08 25.20 -16.94
C LEU C 167 -2.05 26.35 -17.94
N LEU C 168 -2.29 26.08 -19.21
CA LEU C 168 -2.35 27.12 -20.21
C LEU C 168 -3.57 27.98 -20.02
N ALA C 169 -4.68 27.37 -19.63
CA ALA C 169 -5.91 28.10 -19.33
C ALA C 169 -5.69 29.13 -18.20
N ARG C 170 -4.96 28.71 -17.17
CA ARG C 170 -4.61 29.57 -16.08
C ARG C 170 -3.66 30.70 -16.51
N ASP C 171 -2.58 30.34 -17.22
CA ASP C 171 -1.65 31.32 -17.77
C ASP C 171 -2.37 32.41 -18.56
N ASN C 172 -3.35 32.02 -19.37
CA ASN C 172 -4.06 32.96 -20.25
C ASN C 172 -5.41 33.43 -19.69
N LYS C 173 -5.67 33.20 -18.42
CA LYS C 173 -6.86 33.68 -17.74
C LYS C 173 -8.16 33.26 -18.39
N LEU C 174 -8.17 32.04 -18.92
CA LEU C 174 -9.36 31.44 -19.49
C LEU C 174 -10.02 30.57 -18.46
N LYS C 175 -11.27 30.87 -18.15
CA LYS C 175 -12.02 30.14 -17.14
C LYS C 175 -12.53 28.81 -17.66
N LEU C 176 -12.26 27.77 -16.92
CA LEU C 176 -12.81 26.43 -17.16
C LEU C 176 -13.53 26.07 -15.88
N THR C 177 -14.73 25.53 -15.97
CA THR C 177 -15.46 25.19 -14.78
C THR C 177 -14.96 23.91 -14.16
N ALA C 178 -14.41 22.98 -14.95
CA ALA C 178 -13.96 21.70 -14.43
C ALA C 178 -12.96 21.00 -15.33
N GLN C 179 -12.18 20.11 -14.75
CA GLN C 179 -11.24 19.28 -15.52
C GLN C 179 -11.37 17.79 -15.06
N VAL C 180 -11.37 16.87 -16.02
CA VAL C 180 -11.60 15.47 -15.70
C VAL C 180 -10.55 14.61 -16.37
N PRO C 181 -9.36 14.54 -15.78
CA PRO C 181 -8.34 13.63 -16.28
C PRO C 181 -8.64 12.20 -15.75
N VAL C 182 -8.87 11.30 -16.69
CA VAL C 182 -9.05 9.90 -16.35
C VAL C 182 -7.78 9.10 -16.63
N VAL C 183 -7.31 8.37 -15.66
CA VAL C 183 -6.07 7.61 -15.73
C VAL C 183 -4.94 8.36 -16.41
N PRO C 184 -4.71 9.63 -16.02
CA PRO C 184 -3.75 10.44 -16.71
C PRO C 184 -2.27 10.06 -16.56
N PHE C 185 -1.48 10.41 -17.57
CA PHE C 185 -0.06 10.61 -17.42
C PHE C 185 0.24 12.08 -16.99
N VAL C 186 0.91 12.26 -15.85
CA VAL C 186 1.34 13.57 -15.34
C VAL C 186 2.80 13.74 -14.96
N TYR C 187 3.58 12.67 -15.00
CA TYR C 187 4.99 12.71 -14.59
C TYR C 187 5.77 11.52 -15.12
N LEU C 188 7.08 11.67 -15.25
CA LEU C 188 7.96 10.50 -15.48
C LEU C 188 8.23 9.83 -14.13
N ASP C 189 7.29 9.04 -13.69
CA ASP C 189 7.34 8.34 -12.40
C ASP C 189 8.13 7.01 -12.53
N LEU C 190 9.26 6.93 -11.84
CA LEU C 190 10.08 5.72 -11.82
C LEU C 190 10.04 5.06 -10.45
N ALA C 191 9.52 5.76 -9.44
CA ALA C 191 9.67 5.36 -8.07
C ALA C 191 8.43 4.76 -7.45
N SER C 192 7.25 4.87 -8.04
CA SER C 192 6.04 4.46 -7.32
C SER C 192 5.84 2.95 -7.30
N LYS C 193 4.99 2.47 -6.38
CA LYS C 193 4.67 1.08 -6.29
C LYS C 193 3.90 0.61 -7.53
N SER C 194 2.90 1.40 -7.91
CA SER C 194 2.06 1.05 -9.03
C SER C 194 2.90 0.89 -10.30
N MET C 195 3.85 1.81 -10.53
CA MET C 195 4.64 1.81 -11.73
C MET C 195 5.50 0.53 -11.81
N ASN C 196 6.20 0.23 -10.73
CA ASN C 196 7.11 -0.87 -10.70
C ASN C 196 6.41 -2.24 -10.65
N ARG C 197 5.22 -2.31 -10.07
CA ARG C 197 4.50 -3.54 -9.95
C ARG C 197 3.66 -3.91 -11.16
N TYR C 198 3.13 -2.92 -11.85
CA TYR C 198 2.16 -3.20 -12.90
C TYR C 198 2.57 -2.68 -14.27
N ARG C 199 3.86 -2.44 -14.50
CA ARG C 199 4.29 -1.97 -15.80
C ARG C 199 4.50 -3.09 -16.83
N LYS C 200 4.42 -4.35 -16.43
CA LYS C 200 4.38 -5.48 -17.45
C LYS C 200 3.28 -6.49 -17.13
N GLY C 201 2.51 -6.88 -18.12
CA GLY C 201 1.47 -7.89 -17.92
C GLY C 201 0.05 -7.41 -17.67
N TYR C 202 -0.15 -6.11 -17.63
CA TYR C 202 -1.48 -5.51 -17.37
C TYR C 202 -1.84 -4.51 -18.47
N PHE C 203 -1.74 -5.00 -19.70
CA PHE C 203 -2.01 -4.21 -20.90
C PHE C 203 -1.03 -3.06 -21.16
N LEU C 204 -1.07 -2.01 -20.32
CA LEU C 204 -0.16 -0.88 -20.48
C LEU C 204 1.28 -1.24 -20.10
N ASP C 205 2.01 -1.84 -21.03
CA ASP C 205 3.39 -2.27 -20.82
C ASP C 205 4.37 -1.10 -21.01
N ILE C 206 5.14 -0.80 -19.97
CA ILE C 206 6.02 0.37 -19.99
C ILE C 206 7.45 -0.04 -19.69
N ASN C 207 8.40 0.40 -20.52
CA ASN C 207 9.83 0.30 -20.19
C ASN C 207 10.42 1.45 -19.41
N LEU C 208 11.40 1.16 -18.57
CA LEU C 208 12.06 2.17 -17.75
C LEU C 208 13.51 2.33 -18.17
N PRO C 209 14.07 3.55 -18.05
CA PRO C 209 13.50 4.77 -17.47
C PRO C 209 12.57 5.54 -18.39
N VAL C 210 12.82 5.58 -19.69
CA VAL C 210 11.98 6.35 -20.62
C VAL C 210 11.35 5.39 -21.67
N ASP C 211 10.01 5.35 -21.69
CA ASP C 211 9.24 4.46 -22.56
C ASP C 211 9.22 4.94 -24.01
N TYR C 212 8.86 4.03 -24.90
CA TYR C 212 8.77 4.28 -26.33
C TYR C 212 7.84 5.44 -26.69
N GLY C 213 6.69 5.53 -26.04
CA GLY C 213 5.68 6.53 -26.39
C GLY C 213 6.17 7.92 -26.02
N VAL C 214 6.89 8.01 -24.90
CA VAL C 214 7.48 9.29 -24.48
C VAL C 214 8.55 9.75 -25.45
N LYS C 215 9.43 8.83 -25.83
CA LYS C 215 10.54 9.13 -26.75
C LYS C 215 10.04 9.68 -28.08
N MET C 216 8.90 9.20 -28.53
CA MET C 216 8.34 9.63 -29.80
C MET C 216 7.67 10.99 -29.69
N TYR C 217 7.10 11.27 -28.53
CA TYR C 217 6.36 12.53 -28.31
C TYR C 217 7.29 13.70 -28.04
N ILE C 218 8.29 13.50 -27.18
CA ILE C 218 9.18 14.58 -26.79
C ILE C 218 10.31 14.85 -27.78
N ARG C 219 10.79 16.08 -27.80
CA ARG C 219 11.86 16.51 -28.72
C ARG C 219 13.23 16.10 -28.23
N ASP C 220 13.51 16.36 -26.97
CA ASP C 220 14.72 15.92 -26.29
C ASP C 220 14.46 15.76 -24.78
N GLU C 221 15.50 15.39 -24.03
CA GLU C 221 15.34 15.11 -22.60
C GLU C 221 14.88 16.31 -21.77
N LYS C 222 15.12 17.54 -22.25
CA LYS C 222 14.80 18.72 -21.43
C LYS C 222 13.32 18.98 -21.33
N ASP C 223 12.54 18.39 -22.24
CA ASP C 223 11.08 18.36 -22.12
C ASP C 223 10.54 17.54 -20.95
N LEU C 224 11.33 16.61 -20.41
CA LEU C 224 10.88 15.76 -19.31
C LEU C 224 10.46 16.57 -18.08
N TYR C 225 11.09 17.71 -17.84
CA TYR C 225 10.72 18.57 -16.69
C TYR C 225 9.87 19.78 -17.12
N ASN C 226 9.40 19.77 -18.35
CA ASN C 226 8.53 20.81 -18.82
C ASN C 226 7.10 20.56 -18.23
N PRO C 227 6.50 21.59 -17.60
CA PRO C 227 5.21 21.37 -16.92
C PRO C 227 4.07 21.04 -17.87
N LEU C 228 4.16 21.47 -19.12
CA LEU C 228 3.14 21.12 -20.12
C LEU C 228 3.23 19.63 -20.54
N PHE C 229 4.37 19.00 -20.34
CA PHE C 229 4.49 17.57 -20.52
C PHE C 229 4.24 16.84 -19.20
N SER C 230 4.88 17.31 -18.14
CA SER C 230 4.72 16.74 -16.80
C SER C 230 4.14 17.75 -15.84
N PRO C 231 2.83 17.89 -15.82
CA PRO C 231 2.20 18.87 -14.96
C PRO C 231 2.45 18.66 -13.47
N LEU C 232 2.82 17.46 -13.06
CA LEU C 232 3.11 17.19 -11.65
C LEU C 232 4.33 17.97 -11.15
N ILE C 233 5.23 18.31 -12.06
CA ILE C 233 6.44 19.07 -11.72
C ILE C 233 6.22 20.61 -11.72
N ALA C 234 4.97 21.04 -11.97
CA ALA C 234 4.62 22.44 -11.85
C ALA C 234 4.82 22.99 -10.46
N GLU C 235 5.44 24.16 -10.38
CA GLU C 235 5.68 24.83 -9.08
C GLU C 235 4.38 25.19 -8.37
N ASP C 236 3.41 25.67 -9.12
CA ASP C 236 2.14 26.12 -8.58
C ASP C 236 0.98 25.36 -9.27
N LEU C 237 0.18 24.65 -8.49
CA LEU C 237 -0.99 23.98 -9.01
C LEU C 237 -2.30 24.56 -8.42
N SER C 238 -2.27 25.79 -7.92
CA SER C 238 -3.47 26.45 -7.41
C SER C 238 -4.18 27.20 -8.54
N ASN C 239 -5.39 27.67 -8.28
CA ASN C 239 -6.19 28.43 -9.26
C ASN C 239 -6.41 27.63 -10.57
N LEU C 240 -6.52 26.32 -10.44
CA LEU C 240 -6.87 25.49 -11.57
C LEU C 240 -8.32 25.10 -11.34
N PRO C 241 -9.00 24.66 -12.41
CA PRO C 241 -10.38 24.27 -12.29
C PRO C 241 -10.62 23.07 -11.36
N GLN C 242 -11.79 23.06 -10.76
CA GLN C 242 -12.28 21.94 -10.00
C GLN C 242 -12.04 20.58 -10.76
N ALA C 243 -11.52 19.59 -10.05
CA ALA C 243 -11.00 18.38 -10.73
C ALA C 243 -11.68 17.10 -10.31
N ILE C 244 -11.96 16.26 -11.28
CA ILE C 244 -12.38 14.88 -11.02
C ILE C 244 -11.33 13.92 -11.55
N VAL C 245 -10.46 13.45 -10.70
CA VAL C 245 -9.38 12.54 -11.11
C VAL C 245 -9.75 11.10 -10.85
N VAL C 246 -9.64 10.27 -11.89
CA VAL C 246 -10.01 8.85 -11.79
C VAL C 246 -8.81 8.01 -12.11
N THR C 247 -8.54 7.04 -11.25
CA THR C 247 -7.44 6.10 -11.46
C THR C 247 -7.92 4.65 -11.40
N ALA C 248 -7.03 3.73 -11.73
CA ALA C 248 -7.32 2.30 -11.70
C ALA C 248 -6.30 1.59 -10.87
N GLU C 249 -6.74 0.63 -10.08
CA GLU C 249 -5.86 -0.02 -9.09
C GLU C 249 -4.62 -0.69 -9.68
N TYR C 250 -4.80 -1.38 -10.80
CA TYR C 250 -3.70 -2.19 -11.36
C TYR C 250 -3.20 -1.55 -12.64
N ASP C 251 -2.96 -0.25 -12.54
CA ASP C 251 -2.50 0.60 -13.61
C ASP C 251 -1.16 1.15 -13.17
N PRO C 252 -0.14 1.05 -14.04
CA PRO C 252 1.15 1.64 -13.63
C PRO C 252 1.08 3.16 -13.38
N LEU C 253 0.15 3.86 -14.02
CA LEU C 253 0.00 5.33 -13.83
C LEU C 253 -0.81 5.70 -12.60
N ARG C 254 -1.27 4.70 -11.84
CA ARG C 254 -2.15 4.96 -10.70
C ARG C 254 -1.63 5.97 -9.67
N ASP C 255 -0.41 5.77 -9.23
CA ASP C 255 0.15 6.61 -8.14
C ASP C 255 0.40 8.07 -8.53
N GLN C 256 0.86 8.30 -9.76
CA GLN C 256 1.08 9.66 -10.24
C GLN C 256 -0.22 10.44 -10.37
N GLY C 257 -1.26 9.76 -10.83
CA GLY C 257 -2.57 10.37 -10.92
C GLY C 257 -3.13 10.74 -9.57
N GLU C 258 -3.03 9.81 -8.62
CA GLU C 258 -3.46 10.12 -7.26
C GLU C 258 -2.64 11.28 -6.64
N ALA C 259 -1.33 11.32 -6.95
CA ALA C 259 -0.44 12.34 -6.50
C ALA C 259 -0.86 13.73 -7.00
N TYR C 260 -1.28 13.79 -8.26
CA TYR C 260 -1.74 15.00 -8.90
C TYR C 260 -2.97 15.52 -8.18
N ALA C 261 -3.87 14.60 -7.85
CA ALA C 261 -5.09 14.93 -7.16
C ALA C 261 -4.78 15.45 -5.75
N TYR C 262 -3.83 14.82 -5.06
CA TYR C 262 -3.41 15.27 -3.73
C TYR C 262 -2.83 16.69 -3.82
N ARG C 263 -2.00 16.93 -4.83
CA ARG C 263 -1.37 18.24 -5.01
C ARG C 263 -2.36 19.38 -5.26
N LEU C 264 -3.43 19.08 -5.98
CA LEU C 264 -4.52 19.99 -6.21
C LEU C 264 -5.28 20.31 -4.92
N MET C 265 -5.64 19.29 -4.16
CA MET C 265 -6.31 19.48 -2.90
C MET C 265 -5.50 20.38 -1.96
N GLU C 266 -4.20 20.09 -1.86
CA GLU C 266 -3.30 20.89 -1.03
C GLU C 266 -3.16 22.30 -1.54
N SER C 267 -3.36 22.52 -2.83
CA SER C 267 -3.22 23.82 -3.42
C SER C 267 -4.56 24.60 -3.33
N GLY C 268 -5.52 24.12 -2.56
CA GLY C 268 -6.85 24.77 -2.53
C GLY C 268 -7.88 24.48 -3.64
N VAL C 269 -7.57 23.61 -4.59
CA VAL C 269 -8.56 23.28 -5.65
C VAL C 269 -9.52 22.17 -5.23
N PRO C 270 -10.85 22.42 -5.34
CA PRO C 270 -11.83 21.36 -4.95
C PRO C 270 -11.69 20.17 -5.85
N THR C 271 -11.50 19.00 -5.24
CA THR C 271 -11.08 17.81 -5.98
C THR C 271 -11.82 16.62 -5.49
N LEU C 272 -12.29 15.86 -6.45
CA LEU C 272 -12.76 14.52 -6.21
C LEU C 272 -11.76 13.56 -6.81
N SER C 273 -11.31 12.59 -6.06
CA SER C 273 -10.35 11.61 -6.62
C SER C 273 -10.78 10.22 -6.24
N PHE C 274 -11.11 9.41 -7.21
CA PHE C 274 -11.38 8.02 -6.84
C PHE C 274 -10.60 7.00 -7.65
N ARG C 275 -10.34 5.87 -7.03
CA ARG C 275 -9.60 4.76 -7.63
C ARG C 275 -10.59 3.66 -7.94
N VAL C 276 -10.64 3.23 -9.20
CA VAL C 276 -11.49 2.08 -9.58
C VAL C 276 -10.75 0.79 -9.31
N ASN C 277 -11.26 0.00 -8.36
CA ASN C 277 -10.58 -1.26 -7.98
C ASN C 277 -10.82 -2.44 -8.94
N GLY C 278 -9.84 -3.37 -8.95
CA GLY C 278 -9.93 -4.60 -9.76
C GLY C 278 -9.86 -4.41 -11.27
N ASN C 279 -9.27 -3.31 -11.72
CA ASN C 279 -9.26 -2.92 -13.12
C ASN C 279 -7.91 -2.38 -13.49
N VAL C 280 -7.63 -2.48 -14.79
CA VAL C 280 -6.33 -2.09 -15.33
C VAL C 280 -6.52 -0.78 -16.01
N HIS C 281 -5.45 -0.29 -16.64
CA HIS C 281 -5.45 1.01 -17.30
C HIS C 281 -6.60 1.21 -18.29
N ALA C 282 -7.33 2.34 -18.13
CA ALA C 282 -8.47 2.70 -19.01
C ALA C 282 -9.62 1.72 -18.97
N PHE C 283 -9.65 0.87 -17.95
CA PHE C 283 -10.73 -0.12 -17.76
C PHE C 283 -10.90 -1.10 -18.96
N LEU C 284 -9.81 -1.39 -19.66
CA LEU C 284 -9.83 -2.41 -20.72
C LEU C 284 -10.20 -3.80 -20.20
N GLY C 285 -10.97 -4.52 -21.01
CA GLY C 285 -11.46 -5.86 -20.65
C GLY C 285 -12.75 -5.83 -19.85
N SER C 286 -13.26 -4.61 -19.61
CA SER C 286 -14.49 -4.40 -18.86
C SER C 286 -15.30 -3.23 -19.42
N PRO C 287 -16.00 -3.49 -20.54
CA PRO C 287 -16.84 -2.45 -21.10
C PRO C 287 -17.93 -1.94 -20.13
N ARG C 288 -18.40 -2.81 -19.25
CA ARG C 288 -19.38 -2.43 -18.24
C ARG C 288 -18.82 -1.34 -17.33
N THR C 289 -17.61 -1.55 -16.82
CA THR C 289 -16.98 -0.60 -15.94
C THR C 289 -16.69 0.72 -16.65
N SER C 290 -16.24 0.62 -17.89
CA SER C 290 -15.92 1.79 -18.71
C SER C 290 -17.16 2.67 -18.88
N ARG C 291 -18.31 2.02 -19.09
CA ARG C 291 -19.58 2.74 -19.24
C ARG C 291 -19.98 3.41 -17.93
N GLN C 292 -19.93 2.66 -16.84
CA GLN C 292 -20.30 3.14 -15.54
C GLN C 292 -19.47 4.35 -15.06
N VAL C 293 -18.16 4.29 -15.29
CA VAL C 293 -17.30 5.42 -14.94
C VAL C 293 -17.71 6.69 -15.74
N THR C 294 -18.01 6.51 -17.03
CA THR C 294 -18.37 7.61 -17.89
C THR C 294 -19.72 8.18 -17.47
N VAL C 295 -20.62 7.29 -17.05
CA VAL C 295 -21.93 7.72 -16.55
C VAL C 295 -21.80 8.54 -15.24
N MET C 296 -20.93 8.08 -14.35
CA MET C 296 -20.69 8.72 -13.08
C MET C 296 -20.12 10.10 -13.27
N ILE C 297 -19.12 10.18 -14.15
CA ILE C 297 -18.50 11.46 -14.47
C ILE C 297 -19.53 12.44 -15.03
N GLY C 298 -20.38 11.97 -15.92
CA GLY C 298 -21.40 12.77 -16.54
C GLY C 298 -22.40 13.31 -15.51
N ALA C 299 -22.76 12.48 -14.54
CA ALA C 299 -23.69 12.89 -13.52
C ALA C 299 -23.08 14.01 -12.64
N LEU C 300 -21.78 13.96 -12.43
CA LEU C 300 -21.08 14.95 -11.63
C LEU C 300 -20.94 16.26 -12.40
N LEU C 301 -20.60 16.18 -13.67
CA LEU C 301 -20.53 17.35 -14.51
C LEU C 301 -21.89 18.04 -14.64
N LYS C 302 -22.91 17.24 -14.83
CA LYS C 302 -24.29 17.71 -14.95
C LYS C 302 -24.64 18.52 -13.73
N ASP C 303 -24.21 18.05 -12.58
CA ASP C 303 -24.47 18.69 -11.33
C ASP C 303 -23.73 20.02 -11.21
N ILE C 304 -22.50 20.06 -11.71
CA ILE C 304 -21.76 21.33 -11.75
C ILE C 304 -22.37 22.33 -12.76
N PHE C 305 -22.88 21.84 -13.88
CA PHE C 305 -23.59 22.67 -14.86
C PHE C 305 -25.05 23.05 -14.50
N LYS C 306 -25.58 22.57 -13.38
CA LYS C 306 -27.05 22.54 -13.20
C LYS C 306 -27.85 23.85 -13.44
N MET D 1 -0.81 11.66 6.25
CA MET D 1 -2.12 12.37 6.40
C MET D 1 -2.29 13.56 5.42
N PRO D 2 -2.15 13.33 4.08
CA PRO D 2 -2.57 14.32 3.07
C PRO D 2 -4.09 14.24 2.75
N LEU D 3 -4.86 14.81 3.66
CA LEU D 3 -6.29 14.85 3.53
C LEU D 3 -6.74 16.08 2.77
N ASP D 4 -8.02 16.06 2.39
CA ASP D 4 -8.69 17.24 1.90
C ASP D 4 -8.66 18.33 3.01
N PRO D 5 -8.29 19.57 2.67
CA PRO D 5 -8.13 20.62 3.68
C PRO D 5 -9.40 20.86 4.55
N GLU D 6 -10.57 20.79 3.92
CA GLU D 6 -11.82 20.89 4.68
C GLU D 6 -11.99 19.73 5.70
N VAL D 7 -11.55 18.53 5.31
CA VAL D 7 -11.61 17.37 6.19
C VAL D 7 -10.64 17.49 7.35
N ARG D 8 -9.44 17.96 7.03
CA ARG D 8 -8.39 18.16 8.05
C ARG D 8 -8.86 19.16 9.12
N ASN D 9 -9.44 20.25 8.67
CA ASN D 9 -9.99 21.24 9.57
C ASN D 9 -11.10 20.66 10.44
N PHE D 10 -11.97 19.86 9.83
CA PHE D 10 -13.06 19.22 10.58
C PHE D 10 -12.53 18.35 11.72
N LEU D 11 -11.44 17.60 11.46
CA LEU D 11 -10.87 16.74 12.49
C LEU D 11 -10.30 17.55 13.65
N GLN D 12 -9.61 18.64 13.35
CA GLN D 12 -9.10 19.55 14.41
C GLN D 12 -10.25 20.04 15.33
N VAL D 13 -11.35 20.45 14.73
CA VAL D 13 -12.49 20.97 15.48
C VAL D 13 -13.21 19.84 16.22
N TYR D 14 -13.36 18.71 15.55
CA TYR D 14 -14.01 17.51 16.16
C TYR D 14 -13.34 17.03 17.46
N TYR D 15 -12.02 16.89 17.44
CA TYR D 15 -11.29 16.41 18.62
C TYR D 15 -11.22 17.45 19.75
N LYS D 16 -11.13 18.72 19.39
CA LYS D 16 -11.12 19.80 20.37
C LYS D 16 -12.47 19.88 21.10
N ALA D 17 -13.54 19.52 20.39
CA ALA D 17 -14.90 19.56 20.95
C ALA D 17 -15.10 18.56 22.09
N ASN D 18 -14.47 17.39 21.97
CA ASN D 18 -14.53 16.35 23.00
C ASN D 18 -15.97 15.90 23.28
N ILE D 19 -16.55 15.23 22.29
CA ILE D 19 -17.93 14.77 22.36
C ILE D 19 -18.04 13.45 23.11
N ILE D 20 -17.25 12.47 22.70
CA ILE D 20 -17.29 11.14 23.31
C ILE D 20 -16.44 11.18 24.58
N ASP D 21 -17.08 11.51 25.70
CA ASP D 21 -16.41 11.63 26.98
C ASP D 21 -17.37 11.06 28.02
N PHE D 22 -17.08 9.84 28.49
CA PHE D 22 -17.99 9.13 29.41
C PHE D 22 -17.88 9.63 30.84
N THR D 23 -16.82 10.38 31.15
CA THR D 23 -16.66 10.95 32.50
C THR D 23 -17.74 11.98 32.81
N LYS D 24 -18.12 12.78 31.80
CA LYS D 24 -19.08 13.88 32.01
C LYS D 24 -20.39 13.73 31.23
N TYR D 25 -20.53 12.66 30.45
CA TYR D 25 -21.81 12.36 29.78
C TYR D 25 -22.21 10.89 29.89
N GLN D 26 -23.53 10.68 30.02
CA GLN D 26 -24.12 9.34 29.99
C GLN D 26 -24.25 8.91 28.52
N PHE D 27 -24.49 7.63 28.28
CA PHE D 27 -24.50 7.13 26.90
C PHE D 27 -25.59 7.74 26.03
N GLN D 28 -26.78 7.86 26.61
CA GLN D 28 -27.94 8.48 25.92
C GLN D 28 -27.64 9.90 25.44
N GLU D 29 -26.90 10.67 26.25
CA GLU D 29 -26.53 12.04 25.90
C GLU D 29 -25.54 12.07 24.73
N ILE D 30 -24.57 11.13 24.76
CA ILE D 30 -23.59 11.02 23.69
C ILE D 30 -24.25 10.63 22.36
N ARG D 31 -25.19 9.68 22.42
CA ARG D 31 -25.97 9.31 21.24
C ARG D 31 -26.64 10.54 20.60
N GLN D 32 -27.32 11.33 21.39
CA GLN D 32 -27.97 12.57 20.88
C GLN D 32 -26.99 13.63 20.39
N LYS D 33 -25.91 13.84 21.13
CA LYS D 33 -24.84 14.77 20.70
C LYS D 33 -24.27 14.42 19.31
N VAL D 34 -24.00 13.13 19.07
CA VAL D 34 -23.50 12.65 17.79
C VAL D 34 -24.58 12.75 16.71
N ASN D 35 -25.82 12.41 17.06
CA ASN D 35 -26.91 12.47 16.09
C ASN D 35 -27.11 13.87 15.53
N GLU D 36 -27.00 14.89 16.39
CA GLU D 36 -27.10 16.28 15.93
C GLU D 36 -25.97 16.66 15.01
N LEU D 37 -24.75 16.20 15.30
CA LEU D 37 -23.60 16.43 14.40
C LEU D 37 -23.84 15.81 13.00
N LEU D 38 -24.37 14.57 12.97
CA LEU D 38 -24.55 13.86 11.70
C LEU D 38 -25.67 14.44 10.84
N ALA D 39 -26.75 14.86 11.51
CA ALA D 39 -27.92 15.40 10.84
C ALA D 39 -27.64 16.75 10.17
N LYS D 40 -26.72 17.54 10.74
CA LYS D 40 -26.38 18.86 10.20
C LYS D 40 -25.25 18.83 9.16
N ALA D 41 -24.69 17.64 8.91
CA ALA D 41 -23.47 17.50 8.10
C ALA D 41 -23.64 17.87 6.63
N VAL D 42 -24.70 17.38 6.00
CA VAL D 42 -25.02 17.68 4.59
C VAL D 42 -26.32 18.52 4.53
N PRO D 43 -26.37 19.54 3.65
CA PRO D 43 -27.60 20.34 3.51
C PRO D 43 -28.71 19.56 2.79
N LYS D 44 -29.97 19.88 3.12
CA LYS D 44 -31.11 19.15 2.55
C LYS D 44 -31.56 19.69 1.21
N ASP D 45 -31.53 18.84 0.17
CA ASP D 45 -32.11 19.22 -1.13
C ASP D 45 -33.63 18.97 -1.12
N PRO D 46 -34.39 19.78 -1.87
CA PRO D 46 -35.82 19.54 -1.96
C PRO D 46 -36.14 18.28 -2.78
N VAL D 47 -37.22 17.58 -2.39
CA VAL D 47 -37.70 16.39 -3.10
C VAL D 47 -39.17 16.56 -3.45
N GLY D 48 -39.75 15.56 -4.11
CA GLY D 48 -41.14 15.58 -4.48
C GLY D 48 -42.08 15.50 -3.28
N GLU D 49 -41.88 14.47 -2.47
CA GLU D 49 -42.73 14.23 -1.30
C GLU D 49 -42.03 13.35 -0.25
N THR D 50 -42.50 13.40 0.98
CA THR D 50 -41.92 12.75 2.13
C THR D 50 -43.09 12.28 2.98
N ARG D 51 -43.09 10.97 3.27
CA ARG D 51 -44.14 10.34 4.05
C ARG D 51 -43.59 9.47 5.15
N ASP D 52 -43.91 9.77 6.40
CA ASP D 52 -43.58 8.94 7.54
C ASP D 52 -44.71 7.98 7.84
N MET D 53 -44.34 6.73 8.16
CA MET D 53 -45.29 5.75 8.62
C MET D 53 -44.57 4.66 9.40
N LYS D 54 -45.31 3.65 9.84
CA LYS D 54 -44.75 2.51 10.56
C LYS D 54 -45.18 1.19 9.94
N ILE D 55 -44.23 0.30 9.77
CA ILE D 55 -44.51 -1.08 9.40
C ILE D 55 -44.85 -1.86 10.65
N LYS D 56 -45.91 -2.64 10.59
CA LYS D 56 -46.29 -3.53 11.70
C LYS D 56 -45.55 -4.86 11.65
N LEU D 57 -44.60 -5.06 12.55
CA LEU D 57 -43.95 -6.34 12.71
C LEU D 57 -44.58 -7.09 13.89
N GLU D 58 -44.17 -8.35 14.02
CA GLU D 58 -44.67 -9.29 15.02
C GLU D 58 -44.48 -8.77 16.47
N ASP D 59 -43.37 -8.10 16.73
CA ASP D 59 -43.04 -7.63 18.09
C ASP D 59 -42.79 -6.12 18.18
N TYR D 60 -43.03 -5.39 17.09
CA TYR D 60 -42.60 -3.99 17.01
C TYR D 60 -43.27 -3.26 15.85
N GLU D 61 -43.28 -1.93 15.95
CA GLU D 61 -43.76 -1.06 14.87
C GLU D 61 -42.60 -0.25 14.35
N LEU D 62 -42.17 -0.59 13.15
CA LEU D 62 -40.88 -0.14 12.61
C LEU D 62 -41.07 1.12 11.80
N PRO D 63 -40.54 2.25 12.27
CA PRO D 63 -40.76 3.54 11.53
C PRO D 63 -39.98 3.60 10.22
N ILE D 64 -40.61 4.08 9.16
CA ILE D 64 -39.95 4.34 7.90
C ILE D 64 -40.29 5.71 7.38
N ARG D 65 -39.44 6.24 6.49
CA ARG D 65 -39.79 7.42 5.72
C ARG D 65 -39.68 7.11 4.23
N ILE D 66 -40.74 7.35 3.49
CA ILE D 66 -40.75 7.15 2.04
C ILE D 66 -40.50 8.51 1.32
N TYR D 67 -39.46 8.56 0.48
CA TYR D 67 -39.13 9.71 -0.30
C TYR D 67 -39.52 9.55 -1.76
N SER D 68 -40.24 10.52 -2.30
CA SER D 68 -40.52 10.61 -3.73
C SER D 68 -39.62 11.68 -4.31
N PRO D 69 -38.98 11.40 -5.45
CA PRO D 69 -38.08 12.34 -6.06
C PRO D 69 -38.79 13.56 -6.68
N ILE D 70 -38.03 14.60 -6.95
CA ILE D 70 -38.56 15.75 -7.63
C ILE D 70 -39.04 15.38 -9.02
N LYS D 71 -38.35 14.48 -9.69
CA LYS D 71 -38.80 13.93 -10.98
C LYS D 71 -38.64 12.42 -10.99
N ARG D 72 -39.76 11.71 -11.17
CA ARG D 72 -39.79 10.25 -11.03
C ARG D 72 -39.84 9.60 -12.39
N THR D 73 -38.74 8.97 -12.79
CA THR D 73 -38.53 8.58 -14.17
C THR D 73 -38.47 7.04 -14.33
N ASN D 74 -38.54 6.32 -13.23
CA ASN D 74 -38.57 4.88 -13.25
C ASN D 74 -39.28 4.32 -11.99
N ASN D 75 -39.52 3.03 -12.02
CA ASN D 75 -40.24 2.38 -10.93
C ASN D 75 -39.32 1.52 -10.07
N GLY D 76 -38.04 1.92 -9.95
CA GLY D 76 -37.10 1.37 -9.02
C GLY D 76 -37.39 1.76 -7.58
N LEU D 77 -36.74 1.06 -6.65
CA LEU D 77 -36.87 1.30 -5.23
C LEU D 77 -35.52 1.07 -4.59
N VAL D 78 -35.13 1.98 -3.70
CA VAL D 78 -33.89 1.86 -2.95
C VAL D 78 -34.18 1.87 -1.47
N MET D 79 -33.90 0.76 -0.78
CA MET D 79 -34.01 0.67 0.68
C MET D 79 -32.75 1.26 1.33
N HIS D 80 -32.93 2.20 2.26
CA HIS D 80 -31.80 2.90 2.83
C HIS D 80 -31.69 2.59 4.31
N PHE D 81 -30.55 2.02 4.71
CA PHE D 81 -30.27 1.71 6.11
C PHE D 81 -29.18 2.66 6.58
N HIS D 82 -29.48 3.44 7.62
CA HIS D 82 -28.53 4.47 8.09
C HIS D 82 -27.38 3.83 8.84
N GLY D 83 -26.28 4.57 8.97
CA GLY D 83 -25.13 4.15 9.76
C GLY D 83 -25.19 4.63 11.20
N GLY D 84 -24.08 4.46 11.93
CA GLY D 84 -23.99 4.84 13.33
C GLY D 84 -23.55 3.74 14.28
N ALA D 85 -22.68 2.83 13.79
CA ALA D 85 -22.10 1.78 14.61
C ALA D 85 -23.10 0.91 15.38
N TRP D 86 -24.28 0.69 14.81
CA TRP D 86 -25.33 -0.10 15.45
C TRP D 86 -25.94 0.46 16.72
N ILE D 87 -25.43 1.59 17.19
CA ILE D 87 -25.83 2.14 18.49
C ILE D 87 -26.41 3.57 18.44
N LEU D 88 -26.30 4.24 17.29
CA LEU D 88 -26.87 5.59 17.13
C LEU D 88 -27.21 5.84 15.64
N GLY D 89 -27.64 7.05 15.33
CA GLY D 89 -28.10 7.40 13.99
C GLY D 89 -29.60 7.13 13.84
N SER D 90 -30.16 7.63 12.76
CA SER D 90 -31.58 7.44 12.48
C SER D 90 -31.89 7.83 11.04
N ILE D 91 -33.18 7.79 10.71
CA ILE D 91 -33.69 8.38 9.46
C ILE D 91 -33.32 9.87 9.35
N GLU D 92 -33.36 10.59 10.49
CA GLU D 92 -33.03 12.02 10.49
C GLU D 92 -31.56 12.33 10.20
N THR D 93 -30.68 11.49 10.70
CA THR D 93 -29.25 11.74 10.58
C THR D 93 -28.78 11.60 9.15
N GLU D 94 -29.46 10.75 8.38
CA GLU D 94 -29.11 10.54 6.95
C GLU D 94 -30.22 10.96 6.01
N ASP D 95 -31.08 11.85 6.47
CA ASP D 95 -32.19 12.38 5.67
C ASP D 95 -31.68 13.08 4.44
N ALA D 96 -30.62 13.87 4.60
CA ALA D 96 -30.05 14.62 3.49
C ALA D 96 -29.48 13.69 2.42
N ILE D 97 -28.91 12.57 2.82
CA ILE D 97 -28.42 11.57 1.85
C ILE D 97 -29.60 10.95 1.09
N SER D 98 -30.67 10.59 1.81
CA SER D 98 -31.85 10.02 1.16
C SER D 98 -32.44 10.93 0.08
N ARG D 99 -32.50 12.24 0.35
CA ARG D 99 -33.03 13.21 -0.59
C ARG D 99 -32.18 13.30 -1.86
N ILE D 100 -30.87 13.42 -1.71
CA ILE D 100 -29.99 13.48 -2.84
C ILE D 100 -30.05 12.16 -3.64
N LEU D 101 -30.13 11.04 -2.93
CA LEU D 101 -30.16 9.75 -3.57
C LEU D 101 -31.42 9.59 -4.41
N SER D 102 -32.54 9.98 -3.84
CA SER D 102 -33.82 9.86 -4.52
C SER D 102 -33.87 10.71 -5.81
N ASN D 103 -33.38 11.95 -5.73
CA ASN D 103 -33.34 12.83 -6.91
C ASN D 103 -32.40 12.34 -7.98
N SER D 104 -31.24 11.82 -7.58
CA SER D 104 -30.27 11.24 -8.52
C SER D 104 -30.78 9.95 -9.16
N CYS D 105 -31.32 9.03 -8.35
CA CYS D 105 -31.94 7.80 -8.85
C CYS D 105 -33.19 8.08 -9.70
N GLU D 106 -33.86 9.19 -9.41
CA GLU D 106 -35.15 9.51 -9.98
C GLU D 106 -36.14 8.40 -9.67
N CYS D 107 -36.11 7.92 -8.43
CA CYS D 107 -37.01 6.85 -7.99
C CYS D 107 -37.25 6.93 -6.50
N THR D 108 -38.17 6.08 -6.02
CA THR D 108 -38.56 6.07 -4.63
C THR D 108 -37.46 5.56 -3.71
N VAL D 109 -37.29 6.20 -2.56
CA VAL D 109 -36.34 5.77 -1.55
C VAL D 109 -37.07 5.58 -0.21
N ILE D 110 -36.82 4.45 0.46
CA ILE D 110 -37.40 4.18 1.77
C ILE D 110 -36.31 3.98 2.82
N SER D 111 -36.27 4.86 3.81
CA SER D 111 -35.26 4.82 4.86
C SER D 111 -35.88 4.11 6.08
N VAL D 112 -35.09 3.30 6.78
CA VAL D 112 -35.59 2.47 7.88
C VAL D 112 -34.95 2.85 9.22
N ASP D 113 -35.78 3.02 10.26
CA ASP D 113 -35.32 3.19 11.65
C ASP D 113 -35.28 1.84 12.38
N TYR D 114 -34.30 1.00 12.05
CA TYR D 114 -34.11 -0.26 12.72
C TYR D 114 -33.73 -0.09 14.17
N ARG D 115 -34.03 -1.09 14.99
CA ARG D 115 -33.71 -1.04 16.42
C ARG D 115 -32.21 -1.18 16.66
N LEU D 116 -31.76 -0.46 17.70
CA LEU D 116 -30.34 -0.25 17.96
C LEU D 116 -29.88 -0.93 19.21
N ALA D 117 -28.58 -1.21 19.26
CA ALA D 117 -27.92 -1.64 20.50
C ALA D 117 -27.63 -0.40 21.37
N PRO D 118 -27.43 -0.60 22.67
CA PRO D 118 -27.41 -1.85 23.43
C PRO D 118 -28.78 -2.35 23.85
N GLU D 119 -29.84 -1.60 23.56
CA GLU D 119 -31.20 -2.01 23.91
C GLU D 119 -31.58 -3.31 23.22
N TYR D 120 -31.29 -3.39 21.92
CA TYR D 120 -31.54 -4.59 21.14
C TYR D 120 -30.22 -5.02 20.52
N LYS D 121 -29.78 -6.22 20.87
CA LYS D 121 -28.51 -6.75 20.37
C LYS D 121 -28.66 -7.43 19.02
N PHE D 122 -27.52 -7.70 18.39
CA PHE D 122 -27.46 -8.53 17.20
C PHE D 122 -28.24 -9.83 17.47
N PRO D 123 -29.00 -10.33 16.47
CA PRO D 123 -29.20 -9.86 15.10
C PRO D 123 -30.49 -9.05 14.83
N THR D 124 -31.01 -8.34 15.82
CA THR D 124 -32.25 -7.53 15.64
C THR D 124 -32.17 -6.56 14.46
N ALA D 125 -31.16 -5.69 14.44
CA ALA D 125 -31.03 -4.72 13.35
C ALA D 125 -31.09 -5.37 11.98
N VAL D 126 -30.45 -6.53 11.83
CA VAL D 126 -30.39 -7.22 10.55
C VAL D 126 -31.77 -7.71 10.12
N TYR D 127 -32.51 -8.26 11.07
CA TYR D 127 -33.87 -8.71 10.77
C TYR D 127 -34.89 -7.57 10.59
N ASP D 128 -34.75 -6.48 11.34
CA ASP D 128 -35.60 -5.28 11.10
C ASP D 128 -35.42 -4.75 9.66
N CYS D 129 -34.16 -4.70 9.20
CA CYS D 129 -33.88 -4.25 7.86
C CYS D 129 -34.40 -5.22 6.79
N PHE D 130 -34.26 -6.53 7.04
CA PHE D 130 -34.69 -7.52 6.08
C PHE D 130 -36.23 -7.53 5.99
N ASN D 131 -36.90 -7.50 7.13
CA ASN D 131 -38.38 -7.43 7.11
C ASN D 131 -38.96 -6.16 6.45
N ALA D 132 -38.24 -5.05 6.54
CA ALA D 132 -38.62 -3.85 5.80
C ALA D 132 -38.54 -4.06 4.28
N ILE D 133 -37.53 -4.82 3.81
CA ILE D 133 -37.42 -5.10 2.39
C ILE D 133 -38.60 -5.98 1.97
N VAL D 134 -38.96 -6.94 2.81
CA VAL D 134 -40.07 -7.86 2.49
C VAL D 134 -41.38 -7.09 2.43
N TRP D 135 -41.58 -6.19 3.39
CA TRP D 135 -42.76 -5.30 3.36
C TRP D 135 -42.84 -4.49 2.07
N ALA D 136 -41.72 -3.92 1.65
CA ALA D 136 -41.67 -3.14 0.40
C ALA D 136 -42.04 -3.96 -0.83
N ARG D 137 -41.53 -5.19 -0.88
CA ARG D 137 -41.83 -6.08 -1.98
C ARG D 137 -43.30 -6.48 -1.98
N ASP D 138 -43.82 -6.83 -0.80
CA ASP D 138 -45.24 -7.19 -0.67
C ASP D 138 -46.16 -6.05 -1.05
N ASN D 139 -45.75 -4.81 -0.75
CA ASN D 139 -46.55 -3.62 -1.08
C ASN D 139 -46.08 -2.87 -2.30
N ALA D 140 -45.45 -3.58 -3.22
CA ALA D 140 -44.90 -3.01 -4.46
C ALA D 140 -45.94 -2.29 -5.28
N GLY D 141 -47.11 -2.90 -5.42
CA GLY D 141 -48.22 -2.33 -6.21
C GLY D 141 -48.73 -1.03 -5.64
N GLU D 142 -48.87 -1.00 -4.31
CA GLU D 142 -49.30 0.20 -3.59
C GLU D 142 -48.26 1.32 -3.72
N LEU D 143 -46.99 0.95 -3.69
CA LEU D 143 -45.91 1.93 -3.78
C LEU D 143 -45.61 2.31 -5.21
N GLY D 144 -46.20 1.63 -6.18
CA GLY D 144 -45.89 1.88 -7.58
C GLY D 144 -44.47 1.52 -8.00
N ILE D 145 -43.94 0.43 -7.46
CA ILE D 145 -42.57 -0.02 -7.83
C ILE D 145 -42.56 -1.42 -8.38
N ASP D 146 -41.54 -1.73 -9.17
CA ASP D 146 -41.35 -3.05 -9.80
C ASP D 146 -40.67 -3.94 -8.79
N LYS D 147 -41.21 -5.14 -8.57
CA LYS D 147 -40.60 -6.11 -7.65
C LYS D 147 -39.19 -6.52 -8.08
N ASP D 148 -38.91 -6.45 -9.39
CA ASP D 148 -37.59 -6.75 -9.92
C ASP D 148 -36.61 -5.62 -9.89
N LYS D 149 -37.02 -4.47 -9.36
CA LYS D 149 -36.15 -3.31 -9.28
C LYS D 149 -35.96 -2.75 -7.87
N ILE D 150 -35.75 -3.62 -6.89
CA ILE D 150 -35.46 -3.20 -5.51
C ILE D 150 -33.95 -3.30 -5.18
N ALA D 151 -33.36 -2.17 -4.75
CA ALA D 151 -31.96 -2.12 -4.37
C ALA D 151 -31.79 -1.73 -2.93
N THR D 152 -30.62 -1.99 -2.34
CA THR D 152 -30.38 -1.64 -0.95
C THR D 152 -29.14 -0.77 -0.89
N PHE D 153 -29.11 0.12 0.11
CA PHE D 153 -28.05 1.09 0.25
C PHE D 153 -27.82 1.37 1.73
N GLY D 154 -26.57 1.57 2.11
CA GLY D 154 -26.25 1.81 3.51
C GLY D 154 -24.82 2.27 3.74
N ILE D 155 -24.61 3.05 4.81
CA ILE D 155 -23.30 3.63 5.10
C ILE D 155 -22.78 3.08 6.44
N SER D 156 -21.55 2.61 6.46
CA SER D 156 -20.87 2.14 7.70
C SER D 156 -21.53 0.89 8.34
N ALA D 157 -22.19 1.04 9.48
CA ALA D 157 -23.05 -0.02 10.00
C ALA D 157 -24.21 -0.28 9.03
N GLY D 158 -24.69 0.76 8.35
CA GLY D 158 -25.67 0.60 7.27
C GLY D 158 -25.10 -0.32 6.15
N GLY D 159 -23.82 -0.17 5.84
CA GLY D 159 -23.17 -0.97 4.84
C GLY D 159 -23.04 -2.45 5.29
N ASN D 160 -22.77 -2.64 6.57
CA ASN D 160 -22.88 -3.96 7.19
C ASN D 160 -24.23 -4.63 7.00
N LEU D 161 -25.30 -3.85 7.18
CA LEU D 161 -26.66 -4.36 7.10
C LEU D 161 -27.05 -4.67 5.68
N VAL D 162 -26.51 -3.91 4.73
CA VAL D 162 -26.73 -4.17 3.32
C VAL D 162 -26.13 -5.56 2.95
N ALA D 163 -24.91 -5.82 3.41
CA ALA D 163 -24.25 -7.07 3.11
C ALA D 163 -25.00 -8.22 3.79
N ALA D 164 -25.41 -8.02 5.02
CA ALA D 164 -26.07 -9.05 5.81
C ALA D 164 -27.45 -9.36 5.23
N THR D 165 -28.18 -8.32 4.83
CA THR D 165 -29.53 -8.52 4.34
C THR D 165 -29.52 -9.19 2.97
N SER D 166 -28.44 -8.99 2.22
CA SER D 166 -28.34 -9.66 0.93
C SER D 166 -28.15 -11.18 1.09
N LEU D 167 -27.49 -11.60 2.18
CA LEU D 167 -27.34 -13.02 2.49
C LEU D 167 -28.69 -13.63 2.85
N LEU D 168 -29.51 -12.91 3.62
CA LEU D 168 -30.84 -13.39 3.99
C LEU D 168 -31.73 -13.36 2.75
N ALA D 169 -31.56 -12.34 1.92
CA ALA D 169 -32.33 -12.23 0.68
C ALA D 169 -32.10 -13.48 -0.22
N ARG D 170 -30.83 -13.88 -0.32
CA ARG D 170 -30.46 -15.05 -1.08
C ARG D 170 -31.05 -16.34 -0.47
N ASP D 171 -30.86 -16.51 0.84
CA ASP D 171 -31.42 -17.63 1.59
C ASP D 171 -32.92 -17.80 1.33
N ASN D 172 -33.64 -16.69 1.35
CA ASN D 172 -35.12 -16.70 1.24
C ASN D 172 -35.64 -16.44 -0.16
N LYS D 173 -34.77 -16.49 -1.16
CA LYS D 173 -35.15 -16.27 -2.57
C LYS D 173 -35.92 -14.95 -2.74
N LEU D 174 -35.42 -13.88 -2.11
CA LEU D 174 -35.98 -12.51 -2.29
C LEU D 174 -35.08 -11.76 -3.24
N LYS D 175 -35.60 -11.47 -4.42
CA LYS D 175 -34.80 -10.94 -5.51
C LYS D 175 -34.47 -9.46 -5.27
N LEU D 176 -33.19 -9.13 -5.31
CA LEU D 176 -32.72 -7.74 -5.24
C LEU D 176 -31.91 -7.50 -6.49
N THR D 177 -32.11 -6.33 -7.07
CA THR D 177 -31.41 -6.00 -8.29
C THR D 177 -30.04 -5.45 -8.01
N ALA D 178 -29.83 -4.80 -6.86
CA ALA D 178 -28.50 -4.29 -6.51
C ALA D 178 -28.28 -4.09 -5.04
N GLN D 179 -27.00 -3.97 -4.66
CA GLN D 179 -26.60 -3.62 -3.29
C GLN D 179 -25.50 -2.57 -3.31
N VAL D 180 -25.61 -1.59 -2.42
CA VAL D 180 -24.68 -0.47 -2.35
C VAL D 180 -24.18 -0.24 -0.92
N PRO D 181 -23.23 -1.07 -0.48
CA PRO D 181 -22.60 -0.82 0.82
C PRO D 181 -21.54 0.25 0.68
N VAL D 182 -21.73 1.35 1.40
CA VAL D 182 -20.75 2.44 1.44
C VAL D 182 -19.94 2.34 2.72
N VAL D 183 -18.61 2.36 2.59
CA VAL D 183 -17.70 2.24 3.74
C VAL D 183 -18.15 1.20 4.78
N PRO D 184 -18.52 0.00 4.33
CA PRO D 184 -19.04 -1.01 5.22
C PRO D 184 -18.08 -1.66 6.23
N PHE D 185 -18.65 -2.07 7.35
CA PHE D 185 -18.07 -3.03 8.25
C PHE D 185 -18.53 -4.44 7.82
N VAL D 186 -17.58 -5.32 7.50
CA VAL D 186 -17.89 -6.70 7.05
C VAL D 186 -17.09 -7.78 7.78
N TYR D 187 -16.17 -7.39 8.65
CA TYR D 187 -15.28 -8.32 9.30
C TYR D 187 -14.58 -7.72 10.49
N LEU D 188 -14.22 -8.55 11.45
CA LEU D 188 -13.31 -8.18 12.53
C LEU D 188 -11.88 -8.24 12.01
N ASP D 189 -11.51 -7.19 11.28
CA ASP D 189 -10.20 -7.06 10.68
C ASP D 189 -9.20 -6.49 11.68
N LEU D 190 -8.18 -7.28 12.03
CA LEU D 190 -7.11 -6.83 12.93
C LEU D 190 -5.76 -6.67 12.21
N ALA D 191 -5.67 -7.12 10.96
CA ALA D 191 -4.37 -7.36 10.36
C ALA D 191 -4.09 -6.41 9.22
N SER D 192 -5.09 -5.78 8.65
CA SER D 192 -4.88 -4.89 7.50
C SER D 192 -4.12 -3.62 7.82
N LYS D 193 -3.57 -3.01 6.78
CA LYS D 193 -2.83 -1.78 6.94
C LYS D 193 -3.74 -0.61 7.32
N SER D 194 -4.90 -0.53 6.70
CA SER D 194 -5.81 0.57 6.90
C SER D 194 -6.26 0.59 8.34
N MET D 195 -6.54 -0.60 8.89
CA MET D 195 -7.01 -0.69 10.29
C MET D 195 -5.94 -0.24 11.27
N ASN D 196 -4.72 -0.72 11.11
CA ASN D 196 -3.67 -0.40 12.04
C ASN D 196 -3.13 1.02 11.89
N ARG D 197 -3.19 1.61 10.70
CA ARG D 197 -2.70 2.96 10.47
C ARG D 197 -3.67 4.06 10.83
N TYR D 198 -4.96 3.83 10.61
CA TYR D 198 -5.97 4.89 10.68
C TYR D 198 -7.08 4.62 11.69
N ARG D 199 -6.84 3.75 12.68
CA ARG D 199 -7.86 3.47 13.65
C ARG D 199 -7.90 4.53 14.76
N LYS D 200 -6.94 5.45 14.79
CA LYS D 200 -7.00 6.56 15.76
C LYS D 200 -6.61 7.90 15.11
N GLY D 201 -7.41 8.95 15.35
CA GLY D 201 -7.13 10.29 14.84
C GLY D 201 -7.85 10.68 13.57
N TYR D 202 -8.69 9.79 13.07
CA TYR D 202 -9.40 9.97 11.81
C TYR D 202 -10.91 9.77 12.00
N PHE D 203 -11.45 10.44 13.02
CA PHE D 203 -12.86 10.34 13.40
C PHE D 203 -13.30 8.98 13.97
N LEU D 204 -13.28 7.95 13.11
CA LEU D 204 -13.66 6.61 13.52
C LEU D 204 -12.54 5.95 14.35
N ASP D 205 -12.57 6.16 15.66
CA ASP D 205 -11.56 5.65 16.57
C ASP D 205 -11.92 4.27 17.09
N ILE D 206 -11.07 3.29 16.81
CA ILE D 206 -11.36 1.88 17.07
C ILE D 206 -10.26 1.30 17.96
N ASN D 207 -10.65 0.66 19.07
CA ASN D 207 -9.70 -0.17 19.84
C ASN D 207 -9.65 -1.63 19.39
N LEU D 208 -8.47 -2.24 19.58
CA LEU D 208 -8.25 -3.65 19.20
C LEU D 208 -7.97 -4.47 20.45
N PRO D 209 -8.36 -5.77 20.44
CA PRO D 209 -8.95 -6.53 19.36
C PRO D 209 -10.43 -6.34 19.17
N VAL D 210 -11.19 -6.17 20.25
CA VAL D 210 -12.66 -5.95 20.12
C VAL D 210 -13.09 -4.54 20.57
N ASP D 211 -13.60 -3.73 19.63
CA ASP D 211 -13.98 -2.36 19.94
C ASP D 211 -15.25 -2.27 20.79
N TYR D 212 -15.39 -1.14 21.47
CA TYR D 212 -16.60 -0.80 22.24
C TYR D 212 -17.94 -0.96 21.51
N GLY D 213 -17.99 -0.55 20.25
CA GLY D 213 -19.25 -0.58 19.50
C GLY D 213 -19.66 -1.99 19.17
N VAL D 214 -18.67 -2.84 18.85
CA VAL D 214 -18.91 -4.26 18.59
C VAL D 214 -19.43 -4.93 19.85
N LYS D 215 -18.79 -4.66 20.99
CA LYS D 215 -19.19 -5.27 22.27
C LYS D 215 -20.63 -4.98 22.64
N MET D 216 -21.12 -3.79 22.27
CA MET D 216 -22.48 -3.38 22.58
C MET D 216 -23.48 -4.08 21.69
N TYR D 217 -23.10 -4.29 20.46
CA TYR D 217 -23.99 -4.89 19.47
C TYR D 217 -24.08 -6.39 19.62
N ILE D 218 -22.95 -7.08 19.77
CA ILE D 218 -22.96 -8.57 19.78
C ILE D 218 -23.34 -9.09 21.15
N ARG D 219 -23.88 -10.30 21.18
CA ARG D 219 -24.28 -10.96 22.44
C ARG D 219 -23.10 -11.57 23.15
N ASP D 220 -22.29 -12.31 22.41
CA ASP D 220 -21.04 -12.86 22.92
C ASP D 220 -20.04 -13.11 21.78
N GLU D 221 -18.87 -13.63 22.12
CA GLU D 221 -17.80 -13.83 21.16
C GLU D 221 -18.11 -14.79 20.01
N LYS D 222 -19.11 -15.66 20.18
CA LYS D 222 -19.52 -16.59 19.12
C LYS D 222 -20.08 -15.90 17.88
N ASP D 223 -20.65 -14.72 18.09
CA ASP D 223 -21.19 -13.87 17.03
C ASP D 223 -20.13 -13.27 16.12
N LEU D 224 -18.88 -13.18 16.60
CA LEU D 224 -17.78 -12.65 15.77
C LEU D 224 -17.58 -13.40 14.47
N TYR D 225 -17.80 -14.72 14.44
CA TYR D 225 -17.69 -15.48 13.19
C TYR D 225 -19.04 -15.75 12.51
N ASN D 226 -20.10 -15.09 13.01
CA ASN D 226 -21.43 -15.21 12.41
C ASN D 226 -21.46 -14.40 11.09
N PRO D 227 -21.90 -15.04 9.98
CA PRO D 227 -21.87 -14.34 8.70
C PRO D 227 -22.78 -13.13 8.65
N LEU D 228 -23.87 -13.15 9.43
CA LEU D 228 -24.78 -12.00 9.46
C LEU D 228 -24.16 -10.79 10.19
N PHE D 229 -23.15 -11.05 11.03
CA PHE D 229 -22.36 -9.98 11.62
C PHE D 229 -21.15 -9.66 10.75
N SER D 230 -20.42 -10.70 10.33
CA SER D 230 -19.21 -10.56 9.48
C SER D 230 -19.39 -11.27 8.16
N PRO D 231 -20.03 -10.61 7.21
CA PRO D 231 -20.32 -11.25 5.95
C PRO D 231 -19.10 -11.72 5.15
N LEU D 232 -17.94 -11.13 5.43
CA LEU D 232 -16.70 -11.49 4.73
C LEU D 232 -16.30 -12.94 5.06
N ILE D 233 -16.72 -13.42 6.22
CA ILE D 233 -16.41 -14.77 6.69
C ILE D 233 -17.34 -15.82 6.05
N ALA D 234 -18.32 -15.37 5.27
CA ALA D 234 -19.26 -16.29 4.64
C ALA D 234 -18.55 -17.23 3.68
N GLU D 235 -18.94 -18.50 3.72
CA GLU D 235 -18.33 -19.51 2.86
C GLU D 235 -18.70 -19.29 1.41
N ASP D 236 -19.93 -18.90 1.15
CA ASP D 236 -20.39 -18.61 -0.21
C ASP D 236 -20.84 -17.13 -0.36
N LEU D 237 -20.22 -16.40 -1.29
CA LEU D 237 -20.69 -15.03 -1.65
C LEU D 237 -21.15 -14.93 -3.11
N SER D 238 -21.53 -16.06 -3.73
CA SER D 238 -22.10 -16.03 -5.06
C SER D 238 -23.63 -15.80 -5.03
N ASN D 239 -24.19 -15.50 -6.20
CA ASN D 239 -25.62 -15.34 -6.41
C ASN D 239 -26.16 -14.23 -5.53
N LEU D 240 -25.35 -13.22 -5.33
CA LEU D 240 -25.76 -12.06 -4.56
C LEU D 240 -25.96 -10.94 -5.55
N PRO D 241 -26.72 -9.92 -5.17
CA PRO D 241 -27.03 -8.83 -6.14
C PRO D 241 -25.80 -8.03 -6.59
N GLN D 242 -25.89 -7.56 -7.80
CA GLN D 242 -24.87 -6.69 -8.37
C GLN D 242 -24.50 -5.56 -7.36
N ALA D 243 -23.21 -5.33 -7.17
CA ALA D 243 -22.71 -4.54 -6.04
C ALA D 243 -21.97 -3.30 -6.45
N ILE D 244 -22.23 -2.21 -5.73
CA ILE D 244 -21.42 -1.02 -5.84
C ILE D 244 -20.83 -0.76 -4.45
N VAL D 245 -19.56 -1.14 -4.26
CA VAL D 245 -18.90 -0.99 -2.99
C VAL D 245 -17.97 0.22 -3.01
N VAL D 246 -18.18 1.11 -2.03
CA VAL D 246 -17.43 2.35 -1.95
C VAL D 246 -16.62 2.35 -0.66
N THR D 247 -15.32 2.68 -0.76
CA THR D 247 -14.49 2.84 0.43
C THR D 247 -13.84 4.25 0.46
N ALA D 248 -13.15 4.57 1.53
CA ALA D 248 -12.41 5.81 1.65
C ALA D 248 -10.96 5.50 2.02
N GLU D 249 -10.04 6.31 1.52
CA GLU D 249 -8.60 6.03 1.65
C GLU D 249 -8.08 6.02 3.10
N TYR D 250 -8.51 6.95 3.92
CA TYR D 250 -8.02 7.07 5.29
C TYR D 250 -9.09 6.62 6.30
N ASP D 251 -9.63 5.44 6.02
CA ASP D 251 -10.69 4.84 6.80
C ASP D 251 -10.14 3.53 7.29
N PRO D 252 -10.29 3.22 8.59
CA PRO D 252 -9.75 1.95 9.05
C PRO D 252 -10.46 0.75 8.41
N LEU D 253 -11.72 0.92 7.99
CA LEU D 253 -12.51 -0.12 7.40
C LEU D 253 -12.25 -0.25 5.88
N ARG D 254 -11.41 0.61 5.32
CA ARG D 254 -11.13 0.55 3.89
C ARG D 254 -10.76 -0.84 3.36
N ASP D 255 -9.78 -1.49 3.95
CA ASP D 255 -9.30 -2.79 3.41
C ASP D 255 -10.32 -3.94 3.41
N GLN D 256 -11.06 -4.11 4.48
CA GLN D 256 -12.14 -5.10 4.54
C GLN D 256 -13.24 -4.87 3.51
N GLY D 257 -13.60 -3.61 3.27
CA GLY D 257 -14.58 -3.29 2.24
C GLY D 257 -14.12 -3.64 0.85
N GLU D 258 -12.88 -3.33 0.54
CA GLU D 258 -12.29 -3.70 -0.75
C GLU D 258 -12.11 -5.21 -0.89
N ALA D 259 -11.86 -5.88 0.23
CA ALA D 259 -11.80 -7.33 0.28
C ALA D 259 -13.17 -7.99 -0.01
N TYR D 260 -14.23 -7.39 0.53
CA TYR D 260 -15.57 -7.86 0.27
C TYR D 260 -15.89 -7.79 -1.23
N ALA D 261 -15.55 -6.63 -1.83
CA ALA D 261 -15.79 -6.39 -3.23
C ALA D 261 -15.01 -7.41 -4.07
N TYR D 262 -13.77 -7.70 -3.72
CA TYR D 262 -12.99 -8.65 -4.51
C TYR D 262 -13.58 -10.07 -4.46
N ARG D 263 -14.03 -10.45 -3.27
CA ARG D 263 -14.67 -11.76 -3.06
C ARG D 263 -15.93 -11.90 -3.86
N LEU D 264 -16.68 -10.83 -4.03
CA LEU D 264 -17.85 -10.84 -4.88
C LEU D 264 -17.46 -11.06 -6.32
N MET D 265 -16.44 -10.34 -6.81
CA MET D 265 -15.97 -10.52 -8.16
C MET D 265 -15.55 -11.96 -8.44
N GLU D 266 -14.81 -12.56 -7.51
CA GLU D 266 -14.37 -13.93 -7.68
C GLU D 266 -15.53 -14.90 -7.67
N SER D 267 -16.60 -14.55 -6.96
CA SER D 267 -17.78 -15.40 -6.86
C SER D 267 -18.74 -15.24 -8.05
N GLY D 268 -18.37 -14.44 -9.04
CA GLY D 268 -19.23 -14.24 -10.23
C GLY D 268 -20.14 -13.01 -10.21
N VAL D 269 -20.17 -12.23 -9.12
CA VAL D 269 -21.11 -11.12 -9.00
C VAL D 269 -20.57 -9.86 -9.68
N PRO D 270 -21.31 -9.28 -10.64
CA PRO D 270 -20.88 -8.01 -11.27
C PRO D 270 -20.79 -6.87 -10.24
N THR D 271 -19.62 -6.26 -10.17
CA THR D 271 -19.20 -5.41 -9.07
C THR D 271 -18.42 -4.22 -9.60
N LEU D 272 -18.82 -3.05 -9.11
CA LEU D 272 -18.04 -1.84 -9.19
C LEU D 272 -17.51 -1.58 -7.79
N SER D 273 -16.24 -1.28 -7.69
CA SER D 273 -15.62 -0.98 -6.43
C SER D 273 -14.72 0.19 -6.64
N PHE D 274 -14.98 1.27 -5.90
CA PHE D 274 -14.03 2.39 -5.92
C PHE D 274 -13.69 2.87 -4.55
N ARG D 275 -12.48 3.39 -4.42
CA ARG D 275 -12.01 4.04 -3.21
C ARG D 275 -11.97 5.56 -3.41
N VAL D 276 -12.63 6.30 -2.52
CA VAL D 276 -12.59 7.79 -2.54
C VAL D 276 -11.34 8.28 -1.84
N ASN D 277 -10.45 8.93 -2.58
CA ASN D 277 -9.18 9.38 -2.00
C ASN D 277 -9.27 10.70 -1.23
N GLY D 278 -8.30 10.88 -0.33
CA GLY D 278 -8.22 12.13 0.49
C GLY D 278 -9.35 12.31 1.50
N ASN D 279 -10.05 11.21 1.80
CA ASN D 279 -11.18 11.23 2.69
C ASN D 279 -11.14 10.19 3.78
N VAL D 280 -11.79 10.51 4.91
CA VAL D 280 -11.91 9.65 6.05
C VAL D 280 -13.26 8.92 5.99
N HIS D 281 -13.55 8.15 7.01
CA HIS D 281 -14.73 7.34 7.05
C HIS D 281 -16.01 8.14 6.86
N ALA D 282 -16.87 7.67 5.93
CA ALA D 282 -18.19 8.32 5.66
C ALA D 282 -18.08 9.73 5.08
N PHE D 283 -16.89 10.10 4.61
CA PHE D 283 -16.66 11.41 3.96
C PHE D 283 -16.96 12.58 4.87
N LEU D 284 -16.77 12.38 6.16
CA LEU D 284 -17.02 13.42 7.15
C LEU D 284 -16.04 14.57 7.02
N GLY D 285 -16.53 15.78 7.24
CA GLY D 285 -15.77 17.01 7.05
C GLY D 285 -15.77 17.49 5.60
N SER D 286 -16.49 16.79 4.72
CA SER D 286 -16.56 17.14 3.31
C SER D 286 -17.95 16.88 2.77
N PRO D 287 -18.87 17.81 3.01
CA PRO D 287 -20.21 17.64 2.46
C PRO D 287 -20.24 17.59 0.94
N ARG D 288 -19.33 18.31 0.28
CA ARG D 288 -19.20 18.26 -1.20
C ARG D 288 -18.97 16.82 -1.68
N THR D 289 -17.99 16.13 -1.09
CA THR D 289 -17.65 14.78 -1.45
C THR D 289 -18.80 13.81 -1.16
N SER D 290 -19.39 13.97 0.01
CA SER D 290 -20.55 13.18 0.39
C SER D 290 -21.69 13.27 -0.63
N ARG D 291 -21.90 14.48 -1.14
CA ARG D 291 -22.95 14.73 -2.15
C ARG D 291 -22.60 14.07 -3.48
N GLN D 292 -21.37 14.26 -3.91
CA GLN D 292 -20.89 13.78 -5.17
C GLN D 292 -20.93 12.26 -5.26
N VAL D 293 -20.57 11.60 -4.17
CA VAL D 293 -20.60 10.14 -4.10
C VAL D 293 -22.04 9.66 -4.25
N THR D 294 -22.97 10.39 -3.63
CA THR D 294 -24.36 9.96 -3.64
C THR D 294 -24.96 10.13 -5.01
N VAL D 295 -24.52 11.16 -5.71
CA VAL D 295 -25.00 11.48 -7.05
C VAL D 295 -24.49 10.47 -8.02
N MET D 296 -23.21 10.11 -7.90
CA MET D 296 -22.64 9.02 -8.70
C MET D 296 -23.41 7.71 -8.52
N ILE D 297 -23.67 7.35 -7.27
CA ILE D 297 -24.35 6.13 -6.95
C ILE D 297 -25.74 6.10 -7.55
N GLY D 298 -26.45 7.23 -7.46
CA GLY D 298 -27.80 7.34 -7.99
C GLY D 298 -27.82 7.23 -9.50
N ALA D 299 -26.82 7.79 -10.16
CA ALA D 299 -26.74 7.68 -11.61
C ALA D 299 -26.51 6.21 -12.06
N LEU D 300 -25.76 5.43 -11.26
CA LEU D 300 -25.51 4.03 -11.62
C LEU D 300 -26.76 3.17 -11.38
N LEU D 301 -27.44 3.40 -10.26
CA LEU D 301 -28.72 2.72 -9.98
C LEU D 301 -29.78 3.04 -11.02
N LYS D 302 -29.86 4.32 -11.39
CA LYS D 302 -30.79 4.79 -12.42
C LYS D 302 -30.54 4.00 -13.73
N ASP D 303 -29.28 3.81 -14.05
CA ASP D 303 -28.89 3.06 -15.22
C ASP D 303 -29.24 1.57 -15.13
N ILE D 304 -29.16 1.00 -13.94
CA ILE D 304 -29.68 -0.35 -13.70
C ILE D 304 -31.22 -0.42 -13.74
N PHE D 305 -31.90 0.61 -13.26
CA PHE D 305 -33.37 0.67 -13.31
C PHE D 305 -33.93 1.07 -14.70
N LYS D 306 -33.04 1.33 -15.66
CA LYS D 306 -33.41 1.84 -16.98
C LYS D 306 -34.51 0.97 -17.66
#